data_5B3A
#
_entry.id   5B3A
#
_cell.length_a   74.151
_cell.length_b   74.151
_cell.length_c   275.961
_cell.angle_alpha   90.00
_cell.angle_beta   90.00
_cell.angle_gamma   90.00
#
_symmetry.space_group_name_H-M   'P 43 21 2'
#
loop_
_entity.id
_entity.type
_entity.pdbx_description
1 polymer 'Protein CysO'
2 non-polymer (4S)-2-METHYL-2,4-PENTANEDIOL
3 non-polymer '2-{[(E)-{3-hydroxy-2-methyl-5-[(phosphonooxy)methyl]pyridin-4-yl}methylidene]amino}prop-2-enoic acid'
4 water water
#
_entity_poly.entity_id   1
_entity_poly.type   'polypeptide(L)'
_entity_poly.pdbx_seq_one_letter_code
;MALADISGYLDVLDSVRGFSYLENAREVLRSGEARCLGNPRSEPEYVKALYVIGASRIPVGDGCSHTLEELGVFDISVPG
EMVFPSPLDFFERGKPTPLVRSRLQLPNGVRVWLKLEWYNPFSLSVKDRPAVEIISRLSRRVEKGSLVADATSSNFGVAL
SAVARLYGYRARVYLPGAAEEFGKLLPRLLGAQVIVDPEAPSTVHLLPRVMKDSKNEGFVHVNQFYNDANFEAHMRGTAR
EIFVQSRRGGLALRGVAGSLGTSGHMSAAAFYLQSVDPSIRAVLVQPAQGDSIPGIRRVETGMLWINMLDISYTLAEVTL
EEAMEAVVEVARSDGLVIGPSGGAAVKALAKKAAEGDLEPGDYVVVVPDTGFKYLSLVQNALEGAGDSV
;
_entity_poly.pdbx_strand_id   A,B
#
# COMPACT_ATOMS: atom_id res chain seq x y z
N ALA A 2 -27.83 5.69 -27.15
CA ALA A 2 -27.80 4.99 -25.81
C ALA A 2 -26.49 5.37 -25.17
N LEU A 3 -25.85 4.41 -24.52
CA LEU A 3 -24.49 4.63 -24.08
C LEU A 3 -23.53 3.80 -24.90
N ALA A 4 -22.34 4.33 -25.11
CA ALA A 4 -21.23 3.60 -25.74
C ALA A 4 -20.02 3.63 -24.80
N ASP A 5 -19.17 2.64 -24.94
CA ASP A 5 -18.03 2.47 -24.10
C ASP A 5 -17.03 3.58 -24.51
N ILE A 6 -16.49 4.36 -23.55
CA ILE A 6 -15.60 5.49 -23.94
C ILE A 6 -14.27 4.99 -24.55
N SER A 7 -13.85 3.78 -24.18
CA SER A 7 -12.53 3.28 -24.57
C SER A 7 -12.37 3.29 -26.09
N GLY A 8 -13.46 3.04 -26.83
CA GLY A 8 -13.43 3.20 -28.28
C GLY A 8 -13.17 4.57 -28.86
N TYR A 9 -13.26 5.64 -28.07
CA TYR A 9 -13.15 7.00 -28.58
C TYR A 9 -11.92 7.80 -28.07
N LEU A 10 -10.98 7.12 -27.40
CA LEU A 10 -9.82 7.79 -26.76
C LEU A 10 -8.73 8.32 -27.65
N ASP A 11 -8.82 8.16 -28.96
CA ASP A 11 -7.92 8.90 -29.87
C ASP A 11 -8.12 10.40 -29.82
N VAL A 12 -9.25 10.83 -29.32
CA VAL A 12 -9.37 12.26 -29.05
C VAL A 12 -8.26 12.77 -28.11
N LEU A 13 -7.70 11.90 -27.28
CA LEU A 13 -6.55 12.30 -26.39
C LEU A 13 -5.31 12.67 -27.20
N ASP A 14 -5.16 12.09 -28.37
CA ASP A 14 -4.05 12.40 -29.20
C ASP A 14 -4.31 13.64 -30.06
N SER A 15 -5.54 14.11 -30.18
CA SER A 15 -5.83 15.19 -31.11
C SER A 15 -6.35 16.48 -30.48
N VAL A 16 -7.12 16.37 -29.41
CA VAL A 16 -7.54 17.56 -28.71
C VAL A 16 -6.32 18.26 -28.13
N ARG A 17 -6.35 19.58 -28.19
CA ARG A 17 -5.34 20.44 -27.66
C ARG A 17 -6.00 21.57 -26.87
N GLY A 18 -5.25 22.10 -25.92
CA GLY A 18 -5.66 23.28 -25.16
C GLY A 18 -6.64 22.99 -24.01
N PHE A 19 -7.05 24.06 -23.34
CA PHE A 19 -7.86 23.98 -22.12
C PHE A 19 -9.32 24.24 -22.33
N SER A 20 -9.72 24.59 -23.57
CA SER A 20 -11.10 24.92 -23.80
C SER A 20 -12.06 23.73 -23.48
N TYR A 21 -11.65 22.49 -23.71
CA TYR A 21 -12.51 21.33 -23.40
C TYR A 21 -12.90 21.32 -21.90
N LEU A 22 -12.04 21.89 -21.05
CA LEU A 22 -12.32 21.93 -19.62
C LEU A 22 -13.59 22.67 -19.27
N GLU A 23 -14.05 23.58 -20.14
CA GLU A 23 -15.39 24.22 -19.97
C GLU A 23 -16.51 23.21 -19.95
N ASN A 24 -16.45 22.22 -20.80
CA ASN A 24 -17.42 21.16 -20.80
C ASN A 24 -17.31 20.32 -19.55
N ALA A 25 -16.07 20.02 -19.14
CA ALA A 25 -15.80 19.21 -17.97
C ALA A 25 -16.44 19.88 -16.82
N ARG A 26 -16.19 21.20 -16.67
CA ARG A 26 -16.74 21.95 -15.53
C ARG A 26 -18.25 21.95 -15.52
N GLU A 27 -18.83 22.13 -16.70
CA GLU A 27 -20.32 22.19 -16.78
C GLU A 27 -21.00 20.85 -16.52
N VAL A 28 -20.46 19.77 -17.05
CA VAL A 28 -21.02 18.47 -16.77
C VAL A 28 -20.93 18.12 -15.28
N LEU A 29 -19.82 18.49 -14.67
CA LEU A 29 -19.71 18.28 -13.27
C LEU A 29 -20.63 19.20 -12.42
N ARG A 30 -20.67 20.49 -12.75
CA ARG A 30 -21.62 21.44 -12.11
C ARG A 30 -23.11 20.96 -12.22
N SER A 31 -23.54 20.57 -13.41
CA SER A 31 -24.91 20.15 -13.66
C SER A 31 -25.19 18.72 -13.22
N GLY A 32 -24.17 17.88 -13.14
CA GLY A 32 -24.38 16.50 -12.75
C GLY A 32 -24.78 15.67 -13.94
N GLU A 33 -24.68 16.21 -15.14
CA GLU A 33 -25.14 15.46 -16.32
C GLU A 33 -24.52 15.89 -17.65
N ALA A 34 -24.63 15.00 -18.63
CA ALA A 34 -24.06 15.24 -19.92
C ALA A 34 -25.08 14.97 -20.99
N ARG A 35 -25.07 15.83 -21.99
CA ARG A 35 -25.97 15.71 -23.15
C ARG A 35 -25.49 14.72 -24.16
N CYS A 36 -26.45 14.08 -24.81
CA CYS A 36 -26.18 13.21 -25.92
C CYS A 36 -25.39 13.82 -27.05
N LEU A 37 -24.38 13.09 -27.52
CA LEU A 37 -23.58 13.49 -28.64
C LEU A 37 -24.03 12.70 -29.86
N GLY A 38 -24.54 13.38 -30.88
CA GLY A 38 -25.04 12.72 -32.07
C GLY A 38 -23.96 11.82 -32.63
N ASN A 39 -22.94 12.44 -33.19
CA ASN A 39 -21.76 11.72 -33.55
C ASN A 39 -20.79 12.06 -32.47
N PRO A 40 -20.48 11.12 -31.60
CA PRO A 40 -19.42 11.40 -30.63
C PRO A 40 -18.05 11.78 -31.26
N ARG A 41 -17.69 11.15 -32.40
N ARG A 41 -17.67 11.14 -32.38
CA ARG A 41 -16.44 11.46 -33.12
CA ARG A 41 -16.45 11.47 -33.11
C ARG A 41 -16.39 12.93 -33.60
C ARG A 41 -16.40 12.92 -33.61
N SER A 42 -17.55 13.55 -33.74
CA SER A 42 -17.62 14.95 -34.17
C SER A 42 -17.52 15.93 -33.01
N GLU A 43 -17.45 15.46 -31.76
CA GLU A 43 -17.40 16.37 -30.61
C GLU A 43 -16.19 15.97 -29.78
N PRO A 44 -14.99 16.01 -30.37
CA PRO A 44 -13.86 15.41 -29.64
C PRO A 44 -13.60 16.10 -28.27
N GLU A 45 -13.81 17.40 -28.17
CA GLU A 45 -13.66 18.13 -26.91
C GLU A 45 -14.55 17.67 -25.75
N TYR A 46 -15.79 17.34 -26.09
CA TYR A 46 -16.79 16.84 -25.16
C TYR A 46 -16.44 15.44 -24.71
N VAL A 47 -15.97 14.61 -25.64
CA VAL A 47 -15.49 13.31 -25.30
C VAL A 47 -14.29 13.37 -24.37
N LYS A 48 -13.30 14.21 -24.67
CA LYS A 48 -12.15 14.33 -23.73
C LYS A 48 -12.60 14.81 -22.37
N ALA A 49 -13.54 15.75 -22.36
CA ALA A 49 -14.09 16.29 -21.11
C ALA A 49 -14.68 15.15 -20.26
N LEU A 50 -15.46 14.27 -20.88
CA LEU A 50 -16.02 13.11 -20.16
C LEU A 50 -14.95 12.13 -19.62
N TYR A 51 -13.91 11.85 -20.43
CA TYR A 51 -12.78 11.01 -20.04
C TYR A 51 -12.08 11.57 -18.82
N VAL A 52 -11.80 12.86 -18.90
CA VAL A 52 -11.03 13.51 -17.85
C VAL A 52 -11.75 13.54 -16.49
N ILE A 53 -13.10 13.66 -16.49
CA ILE A 53 -13.85 13.59 -15.24
C ILE A 53 -14.12 12.18 -14.74
N GLY A 54 -13.71 11.18 -15.49
CA GLY A 54 -13.85 9.77 -15.07
C GLY A 54 -15.00 8.99 -15.63
N ALA A 55 -15.64 9.49 -16.64
CA ALA A 55 -16.64 8.70 -17.30
C ALA A 55 -16.01 7.45 -18.00
N SER A 56 -16.68 6.31 -17.87
CA SER A 56 -16.28 5.15 -18.66
C SER A 56 -17.22 4.87 -19.86
N ARG A 57 -18.31 5.61 -19.98
CA ARG A 57 -19.31 5.45 -21.01
C ARG A 57 -19.72 6.83 -21.43
N ILE A 58 -20.11 6.99 -22.67
CA ILE A 58 -20.56 8.29 -23.15
C ILE A 58 -21.93 8.21 -23.81
N PRO A 59 -22.69 9.31 -23.73
CA PRO A 59 -23.99 9.24 -24.31
C PRO A 59 -23.92 9.51 -25.78
N VAL A 60 -24.60 8.69 -26.57
CA VAL A 60 -24.51 8.87 -28.02
C VAL A 60 -25.82 8.88 -28.71
N GLY A 61 -25.81 9.43 -29.91
CA GLY A 61 -27.00 9.41 -30.76
C GLY A 61 -27.92 10.56 -30.44
N ASP A 62 -29.19 10.37 -30.71
CA ASP A 62 -30.20 11.34 -30.39
C ASP A 62 -30.79 10.79 -29.11
N GLY A 63 -31.02 11.63 -28.13
CA GLY A 63 -31.72 11.16 -26.95
C GLY A 63 -31.33 11.98 -25.76
N CYS A 64 -31.59 11.42 -24.60
CA CYS A 64 -31.58 12.22 -23.41
C CYS A 64 -30.20 12.29 -22.76
N SER A 65 -30.13 13.24 -21.85
CA SER A 65 -28.97 13.50 -21.07
C SER A 65 -28.80 12.39 -20.05
N HIS A 66 -27.58 12.21 -19.59
CA HIS A 66 -27.26 11.21 -18.59
C HIS A 66 -26.47 11.75 -17.47
N THR A 67 -26.63 11.14 -16.30
CA THR A 67 -26.04 11.68 -15.12
C THR A 67 -24.61 11.16 -14.93
N LEU A 68 -23.89 11.77 -13.98
CA LEU A 68 -22.51 11.27 -13.70
C LEU A 68 -22.50 9.76 -13.40
N GLU A 69 -23.45 9.36 -12.59
CA GLU A 69 -23.55 7.97 -12.20
C GLU A 69 -23.81 7.10 -13.42
N GLU A 70 -24.65 7.55 -14.31
CA GLU A 70 -24.94 6.80 -15.50
C GLU A 70 -23.77 6.71 -16.43
N LEU A 71 -22.92 7.74 -16.45
CA LEU A 71 -21.66 7.68 -17.22
C LEU A 71 -20.46 6.88 -16.63
N GLY A 72 -20.64 6.34 -15.43
CA GLY A 72 -19.65 5.55 -14.79
C GLY A 72 -18.68 6.24 -13.87
N VAL A 73 -18.92 7.50 -13.53
CA VAL A 73 -17.99 8.27 -12.78
C VAL A 73 -17.84 7.64 -11.40
N PHE A 74 -18.93 7.10 -10.89
CA PHE A 74 -18.96 6.47 -9.59
C PHE A 74 -18.87 4.96 -9.66
N ASP A 75 -18.57 4.34 -10.81
CA ASP A 75 -18.42 2.90 -10.83
C ASP A 75 -17.23 2.44 -9.97
N ILE A 76 -17.39 1.29 -9.38
CA ILE A 76 -16.37 0.62 -8.62
C ILE A 76 -15.47 -0.13 -9.61
N SER A 77 -14.17 0.13 -9.54
CA SER A 77 -13.22 -0.59 -10.34
C SER A 77 -12.58 -1.76 -9.59
N VAL A 78 -12.41 -1.63 -8.27
CA VAL A 78 -11.59 -2.60 -7.55
C VAL A 78 -12.29 -4.00 -7.41
N PRO A 79 -11.59 -5.11 -7.75
CA PRO A 79 -12.17 -6.41 -7.39
C PRO A 79 -12.09 -6.58 -5.86
N GLY A 80 -13.15 -7.00 -5.25
CA GLY A 80 -13.21 -7.03 -3.80
C GLY A 80 -12.12 -7.93 -3.21
N GLU A 81 -11.71 -8.96 -3.92
CA GLU A 81 -10.74 -9.85 -3.41
C GLU A 81 -9.33 -9.36 -3.67
N MET A 82 -9.15 -8.25 -4.36
CA MET A 82 -7.82 -7.65 -4.52
C MET A 82 -6.82 -8.61 -5.24
N VAL A 83 -7.28 -9.23 -6.29
CA VAL A 83 -6.49 -10.13 -7.10
C VAL A 83 -6.36 -9.51 -8.47
N PHE A 84 -5.16 -9.36 -9.03
CA PHE A 84 -5.02 -8.61 -10.26
C PHE A 84 -4.12 -9.39 -11.21
N PRO A 85 -4.41 -9.36 -12.52
CA PRO A 85 -3.67 -10.12 -13.50
C PRO A 85 -2.35 -9.51 -13.94
N SER A 86 -2.10 -8.25 -13.63
CA SER A 86 -0.82 -7.69 -13.95
C SER A 86 -0.62 -6.45 -13.13
N PRO A 87 0.62 -6.00 -13.03
CA PRO A 87 0.95 -4.80 -12.26
C PRO A 87 0.23 -3.54 -12.77
N LEU A 88 0.21 -3.34 -14.05
CA LEU A 88 -0.47 -2.20 -14.63
C LEU A 88 -2.03 -2.29 -14.37
N ASP A 89 -2.59 -3.48 -14.51
CA ASP A 89 -3.99 -3.66 -14.20
C ASP A 89 -4.25 -3.32 -12.71
N PHE A 90 -3.32 -3.74 -11.83
CA PHE A 90 -3.39 -3.38 -10.43
C PHE A 90 -3.31 -1.88 -10.24
N PHE A 91 -2.39 -1.18 -10.93
CA PHE A 91 -2.40 0.26 -10.83
C PHE A 91 -3.75 0.90 -11.18
N GLU A 92 -4.30 0.42 -12.26
CA GLU A 92 -5.49 1.02 -12.88
C GLU A 92 -6.80 0.72 -12.10
N ARG A 93 -7.03 -0.54 -11.76
CA ARG A 93 -8.27 -0.95 -11.11
C ARG A 93 -8.13 -0.97 -9.61
N GLY A 94 -6.90 -1.03 -9.10
CA GLY A 94 -6.69 -0.96 -7.63
C GLY A 94 -6.77 0.47 -7.14
N LYS A 95 -7.98 1.03 -7.20
CA LYS A 95 -8.24 2.41 -6.86
C LYS A 95 -9.65 2.46 -6.32
N PRO A 96 -9.96 3.50 -5.54
CA PRO A 96 -9.17 4.64 -5.11
C PRO A 96 -8.07 4.24 -4.17
N THR A 97 -7.11 5.14 -4.06
CA THR A 97 -6.22 5.12 -2.96
C THR A 97 -7.03 5.41 -1.67
N PRO A 98 -6.48 4.99 -0.53
CA PRO A 98 -7.24 5.06 0.69
C PRO A 98 -7.51 6.47 1.16
N LEU A 99 -8.70 6.66 1.73
CA LEU A 99 -8.98 7.88 2.42
C LEU A 99 -9.34 7.50 3.83
N VAL A 100 -8.51 7.99 4.74
CA VAL A 100 -8.53 7.57 6.10
C VAL A 100 -8.73 8.76 7.07
N ARG A 101 -9.73 8.69 7.92
CA ARG A 101 -9.95 9.74 8.94
C ARG A 101 -8.87 9.71 9.97
N SER A 102 -8.26 10.86 10.24
CA SER A 102 -7.16 10.97 11.16
C SER A 102 -7.76 11.18 12.54
N ARG A 103 -7.01 10.83 13.56
CA ARG A 103 -7.35 11.14 14.96
C ARG A 103 -6.75 12.45 15.38
N LEU A 104 -5.89 12.99 14.54
CA LEU A 104 -5.32 14.31 14.81
C LEU A 104 -6.42 15.37 14.90
N GLN A 105 -6.43 16.20 15.93
CA GLN A 105 -7.53 17.15 16.16
C GLN A 105 -7.11 18.52 15.68
N LEU A 106 -7.95 19.18 14.88
CA LEU A 106 -7.64 20.56 14.54
C LEU A 106 -8.69 21.56 15.03
N PRO A 107 -8.33 22.86 15.06
CA PRO A 107 -9.30 23.81 15.62
C PRO A 107 -10.50 24.01 14.73
N ASN A 108 -11.53 24.54 15.35
CA ASN A 108 -12.67 25.10 14.72
C ASN A 108 -13.48 24.16 13.89
N GLY A 109 -13.58 22.91 14.33
CA GLY A 109 -14.42 21.93 13.61
C GLY A 109 -13.90 21.43 12.22
N VAL A 110 -12.62 21.64 11.97
CA VAL A 110 -11.94 21.13 10.81
C VAL A 110 -11.53 19.70 11.06
N ARG A 111 -12.25 18.78 10.40
CA ARG A 111 -11.98 17.35 10.48
C ARG A 111 -11.05 16.88 9.33
N VAL A 112 -9.93 16.26 9.71
CA VAL A 112 -8.93 15.77 8.80
C VAL A 112 -9.12 14.31 8.33
N TRP A 113 -9.08 14.18 7.01
CA TRP A 113 -8.97 12.88 6.34
C TRP A 113 -7.73 12.89 5.47
N LEU A 114 -6.97 11.77 5.46
CA LEU A 114 -5.75 11.63 4.75
C LEU A 114 -5.91 10.69 3.57
N LYS A 115 -5.64 11.22 2.36
CA LYS A 115 -5.63 10.39 1.18
C LYS A 115 -4.17 9.91 0.98
N LEU A 116 -3.96 8.58 1.07
CA LEU A 116 -2.62 7.99 1.12
C LEU A 116 -2.11 7.59 -0.28
N GLU A 117 -1.50 8.51 -0.99
CA GLU A 117 -0.96 8.22 -2.33
C GLU A 117 0.28 7.31 -2.44
N TRP A 118 0.90 6.93 -1.30
CA TRP A 118 1.91 5.90 -1.33
C TRP A 118 1.38 4.51 -1.71
N TYR A 119 0.06 4.36 -1.67
CA TYR A 119 -0.68 3.16 -2.08
C TYR A 119 -0.74 3.04 -3.63
N ASN A 120 0.34 3.39 -4.31
CA ASN A 120 0.46 3.26 -5.75
C ASN A 120 1.66 2.37 -5.89
N PRO A 121 1.61 1.42 -6.82
CA PRO A 121 2.55 0.30 -6.73
C PRO A 121 4.03 0.48 -7.18
N PHE A 122 4.33 1.48 -8.01
CA PHE A 122 5.65 1.62 -8.66
C PHE A 122 6.59 2.54 -7.88
N SER A 123 6.15 3.75 -7.55
CA SER A 123 6.94 4.68 -6.81
C SER A 123 6.48 4.89 -5.38
N LEU A 124 5.40 4.28 -4.97
CA LEU A 124 4.90 4.41 -3.61
C LEU A 124 4.69 5.90 -3.41
N SER A 125 4.09 6.51 -4.44
CA SER A 125 3.75 7.90 -4.45
C SER A 125 2.69 8.22 -5.49
N VAL A 126 2.12 9.39 -5.30
CA VAL A 126 1.16 10.01 -6.20
C VAL A 126 1.65 10.12 -7.67
N LYS A 127 2.96 10.13 -7.85
CA LYS A 127 3.55 10.25 -9.19
C LYS A 127 3.40 9.05 -10.12
N ASP A 128 2.95 7.92 -9.62
CA ASP A 128 2.61 6.81 -10.52
C ASP A 128 1.59 7.30 -11.54
N ARG A 129 0.64 8.11 -11.09
CA ARG A 129 -0.51 8.40 -11.94
C ARG A 129 -0.10 9.16 -13.22
N PRO A 130 0.66 10.25 -13.12
CA PRO A 130 1.08 10.95 -14.33
C PRO A 130 2.04 10.15 -15.18
N ALA A 131 2.86 9.30 -14.56
CA ALA A 131 3.75 8.42 -15.29
C ALA A 131 2.97 7.49 -16.20
N VAL A 132 1.98 6.82 -15.63
CA VAL A 132 1.12 5.93 -16.43
C VAL A 132 0.38 6.68 -17.54
N GLU A 133 -0.19 7.83 -17.20
CA GLU A 133 -0.98 8.55 -18.21
C GLU A 133 -0.03 9.02 -19.33
N ILE A 134 1.13 9.57 -18.92
CA ILE A 134 2.08 10.13 -19.89
C ILE A 134 2.61 9.05 -20.83
N ILE A 135 3.00 7.90 -20.30
CA ILE A 135 3.60 6.86 -21.11
C ILE A 135 2.56 6.23 -22.00
N SER A 136 1.39 6.02 -21.45
CA SER A 136 0.27 5.55 -22.23
C SER A 136 -0.02 6.45 -23.45
N ARG A 137 0.01 7.74 -23.30
CA ARG A 137 -0.36 8.68 -24.40
C ARG A 137 0.75 8.54 -25.52
N LEU A 138 1.96 8.11 -25.17
CA LEU A 138 3.07 8.02 -26.10
C LEU A 138 2.99 6.87 -27.03
N SER A 139 2.27 5.88 -26.57
CA SER A 139 2.64 4.55 -26.89
C SER A 139 2.11 4.12 -28.23
N ARG A 140 1.52 5.02 -29.00
CA ARG A 140 1.31 4.73 -30.42
C ARG A 140 1.68 5.93 -31.31
N ARG A 141 2.51 6.83 -30.81
CA ARG A 141 3.28 7.72 -31.67
C ARG A 141 4.77 7.46 -31.47
N VAL A 142 5.17 6.81 -30.37
CA VAL A 142 6.59 6.61 -30.15
C VAL A 142 6.90 5.13 -30.20
N GLU A 143 7.83 4.76 -31.07
CA GLU A 143 8.27 3.39 -31.26
C GLU A 143 8.94 2.78 -30.02
N LYS A 144 8.67 1.50 -29.79
CA LYS A 144 9.19 0.73 -28.70
C LYS A 144 10.67 0.69 -28.76
N GLY A 145 11.32 0.57 -27.63
CA GLY A 145 12.74 0.69 -27.58
C GLY A 145 13.21 2.14 -27.43
N SER A 146 12.39 3.13 -27.76
CA SER A 146 12.85 4.52 -27.67
C SER A 146 13.13 4.91 -26.21
N LEU A 147 14.04 5.86 -26.03
CA LEU A 147 14.36 6.47 -24.75
C LEU A 147 13.44 7.58 -24.35
N VAL A 148 12.96 7.54 -23.11
CA VAL A 148 12.13 8.62 -22.63
C VAL A 148 12.84 9.15 -21.43
N ALA A 149 12.75 10.44 -21.15
CA ALA A 149 13.47 11.03 -20.02
C ALA A 149 12.77 12.22 -19.39
N ASP A 150 13.13 12.52 -18.16
CA ASP A 150 12.66 13.76 -17.48
C ASP A 150 13.52 14.07 -16.32
N ALA A 151 13.37 15.29 -15.80
CA ALA A 151 13.87 15.68 -14.50
C ALA A 151 12.86 15.35 -13.41
N THR A 152 13.41 15.08 -12.22
CA THR A 152 12.63 14.67 -11.09
C THR A 152 13.31 15.01 -9.79
N SER A 153 12.47 15.21 -8.76
CA SER A 153 12.90 15.30 -7.38
C SER A 153 13.21 13.91 -6.79
N SER A 154 12.63 12.88 -7.38
CA SER A 154 12.88 11.46 -7.05
C SER A 154 11.68 10.66 -7.46
N ASN A 155 10.47 11.03 -7.00
CA ASN A 155 9.31 10.12 -7.22
C ASN A 155 8.95 9.86 -8.69
N PHE A 156 8.81 10.91 -9.49
CA PHE A 156 8.43 10.70 -10.86
C PHE A 156 9.43 9.81 -11.59
N GLY A 157 10.72 9.97 -11.27
CA GLY A 157 11.75 9.21 -11.91
C GLY A 157 11.60 7.74 -11.69
N VAL A 158 11.29 7.37 -10.45
CA VAL A 158 11.02 5.98 -10.14
C VAL A 158 9.78 5.48 -10.93
N ALA A 159 8.68 6.24 -10.82
CA ALA A 159 7.45 5.85 -11.51
C ALA A 159 7.70 5.71 -13.01
N LEU A 160 8.36 6.71 -13.60
CA LEU A 160 8.63 6.72 -15.01
C LEU A 160 9.51 5.53 -15.38
N SER A 161 10.50 5.19 -14.57
CA SER A 161 11.32 4.06 -14.90
C SER A 161 10.51 2.76 -14.94
N ALA A 162 9.63 2.54 -13.97
CA ALA A 162 8.88 1.25 -13.94
C ALA A 162 7.89 1.20 -15.07
N VAL A 163 7.24 2.31 -15.31
CA VAL A 163 6.16 2.31 -16.30
C VAL A 163 6.70 2.30 -17.74
N ALA A 164 7.80 3.03 -17.96
CA ALA A 164 8.45 2.98 -19.28
C ALA A 164 8.82 1.58 -19.66
N ARG A 165 9.42 0.84 -18.75
CA ARG A 165 9.81 -0.50 -19.08
C ARG A 165 8.61 -1.43 -19.27
N LEU A 166 7.59 -1.32 -18.45
CA LEU A 166 6.40 -2.17 -18.68
C LEU A 166 5.77 -1.89 -20.04
N TYR A 167 5.93 -0.69 -20.57
CA TYR A 167 5.42 -0.38 -21.91
C TYR A 167 6.46 -0.57 -23.05
N GLY A 168 7.63 -1.07 -22.74
CA GLY A 168 8.59 -1.32 -23.78
C GLY A 168 9.55 -0.19 -24.11
N TYR A 169 9.62 0.83 -23.25
CA TYR A 169 10.52 1.93 -23.50
C TYR A 169 11.73 1.85 -22.58
N ARG A 170 12.76 2.63 -22.94
CA ARG A 170 13.91 2.77 -22.09
C ARG A 170 13.72 4.09 -21.37
N ALA A 171 14.32 4.25 -20.20
CA ALA A 171 14.25 5.55 -19.50
C ALA A 171 15.55 6.11 -18.98
N ARG A 172 15.56 7.41 -18.86
CA ARG A 172 16.64 8.13 -18.23
C ARG A 172 16.03 9.15 -17.33
N VAL A 173 16.59 9.29 -16.15
CA VAL A 173 16.12 10.31 -15.25
C VAL A 173 17.26 11.18 -14.75
N TYR A 174 16.95 12.46 -14.64
CA TYR A 174 17.86 13.47 -14.16
C TYR A 174 17.43 13.98 -12.85
N LEU A 175 18.34 14.03 -11.88
CA LEU A 175 18.05 14.48 -10.54
C LEU A 175 19.05 15.54 -10.01
N PRO A 176 18.59 16.48 -9.19
CA PRO A 176 19.44 17.37 -8.39
C PRO A 176 20.22 16.68 -7.32
N GLY A 177 21.36 17.22 -6.97
CA GLY A 177 22.20 16.61 -5.97
C GLY A 177 21.50 16.42 -4.66
N ALA A 178 20.55 17.27 -4.27
CA ALA A 178 19.85 17.10 -2.98
C ALA A 178 18.72 16.03 -2.98
N ALA A 179 18.47 15.35 -4.10
CA ALA A 179 17.42 14.34 -4.16
C ALA A 179 17.72 13.20 -3.19
N GLU A 180 16.67 12.58 -2.67
CA GLU A 180 16.79 11.38 -1.86
C GLU A 180 17.46 10.23 -2.62
N GLU A 181 18.13 9.42 -1.83
CA GLU A 181 18.79 8.22 -2.30
C GLU A 181 17.86 7.26 -3.06
N PHE A 182 16.58 7.15 -2.67
CA PHE A 182 15.69 6.21 -3.34
C PHE A 182 15.51 6.67 -4.76
N GLY A 183 15.42 7.98 -4.97
CA GLY A 183 15.30 8.54 -6.31
C GLY A 183 16.50 8.31 -7.19
N LYS A 184 17.67 8.27 -6.57
CA LYS A 184 18.89 8.10 -7.33
C LYS A 184 19.12 6.65 -7.64
N LEU A 185 18.72 5.76 -6.75
CA LEU A 185 19.10 4.36 -6.87
C LEU A 185 18.04 3.54 -7.51
N LEU A 186 16.78 3.72 -7.10
CA LEU A 186 15.74 2.81 -7.55
C LEU A 186 15.49 2.79 -9.06
N PRO A 187 15.69 3.90 -9.74
CA PRO A 187 15.53 3.81 -11.19
C PRO A 187 16.52 2.85 -11.84
N ARG A 188 17.75 2.80 -11.30
CA ARG A 188 18.74 1.81 -11.81
C ARG A 188 18.28 0.37 -11.55
N LEU A 189 17.78 0.10 -10.36
CA LEU A 189 17.10 -1.21 -10.11
C LEU A 189 16.08 -1.56 -11.16
N LEU A 190 15.30 -0.56 -11.55
CA LEU A 190 14.23 -0.76 -12.51
C LEU A 190 14.70 -0.70 -13.95
N GLY A 191 16.03 -0.58 -14.17
CA GLY A 191 16.61 -0.70 -15.52
C GLY A 191 16.85 0.63 -16.22
N ALA A 192 16.65 1.73 -15.54
CA ALA A 192 16.87 3.02 -16.15
C ALA A 192 18.30 3.61 -15.98
N GLN A 193 18.65 4.56 -16.84
CA GLN A 193 19.85 5.37 -16.65
C GLN A 193 19.56 6.55 -15.72
N VAL A 194 20.52 6.91 -14.91
CA VAL A 194 20.37 7.99 -13.93
C VAL A 194 21.51 9.02 -14.08
N ILE A 195 21.19 10.31 -14.12
CA ILE A 195 22.18 11.40 -14.13
C ILE A 195 21.84 12.26 -12.93
N VAL A 196 22.81 12.45 -12.06
CA VAL A 196 22.62 13.31 -10.90
C VAL A 196 23.50 14.51 -11.16
N ASP A 197 22.96 15.69 -10.97
CA ASP A 197 23.70 16.90 -11.18
C ASP A 197 23.88 17.56 -9.80
N PRO A 198 25.06 17.35 -9.20
CA PRO A 198 25.27 17.92 -7.87
C PRO A 198 25.29 19.44 -7.88
N GLU A 199 25.40 20.07 -9.03
CA GLU A 199 25.23 21.51 -9.09
C GLU A 199 23.79 21.91 -8.89
N ALA A 200 22.87 21.30 -9.63
CA ALA A 200 21.46 21.76 -9.70
C ALA A 200 20.84 21.95 -8.31
N PRO A 201 20.40 23.17 -8.00
CA PRO A 201 19.78 23.45 -6.71
C PRO A 201 18.30 23.07 -6.68
N SER A 202 17.72 22.66 -7.80
CA SER A 202 16.30 22.35 -7.86
C SER A 202 16.05 21.41 -9.07
N THR A 203 14.88 20.80 -9.08
CA THR A 203 14.46 19.95 -10.20
C THR A 203 14.22 20.79 -11.44
N VAL A 204 13.49 21.87 -11.33
CA VAL A 204 13.29 22.75 -12.52
C VAL A 204 14.56 23.34 -13.11
N HIS A 205 15.57 23.53 -12.27
CA HIS A 205 16.84 24.04 -12.74
C HIS A 205 17.45 23.04 -13.73
N LEU A 206 17.08 21.75 -13.65
CA LEU A 206 17.62 20.80 -14.61
C LEU A 206 16.96 20.84 -15.98
N LEU A 207 15.78 21.43 -16.12
CA LEU A 207 15.08 21.31 -17.38
C LEU A 207 15.85 21.87 -18.60
N PRO A 208 16.52 23.02 -18.48
CA PRO A 208 17.29 23.39 -19.69
C PRO A 208 18.28 22.30 -20.13
N ARG A 209 18.94 21.61 -19.20
CA ARG A 209 19.89 20.59 -19.60
C ARG A 209 19.21 19.37 -20.28
N VAL A 210 18.09 18.92 -19.72
CA VAL A 210 17.34 17.83 -20.29
C VAL A 210 16.86 18.17 -21.70
N MET A 211 16.38 19.39 -21.90
CA MET A 211 15.94 19.85 -23.23
C MET A 211 17.09 19.88 -24.19
N LYS A 212 18.21 20.41 -23.75
CA LYS A 212 19.34 20.44 -24.64
C LYS A 212 19.82 19.03 -25.01
N ASP A 213 19.98 18.16 -24.01
CA ASP A 213 20.33 16.75 -24.33
C ASP A 213 19.29 16.09 -25.26
N SER A 214 18.03 16.40 -25.07
CA SER A 214 16.97 15.93 -25.94
C SER A 214 17.21 16.30 -27.40
N LYS A 215 17.47 17.58 -27.65
CA LYS A 215 17.84 18.04 -29.00
C LYS A 215 19.08 17.38 -29.60
N ASN A 216 20.09 17.13 -28.76
CA ASN A 216 21.30 16.46 -29.22
C ASN A 216 21.12 14.99 -29.42
N GLU A 217 20.45 14.31 -28.47
CA GLU A 217 20.44 12.85 -28.56
C GLU A 217 19.19 12.28 -29.15
N GLY A 218 18.12 13.09 -29.20
CA GLY A 218 16.86 12.62 -29.81
C GLY A 218 16.03 11.70 -28.91
N PHE A 219 16.15 11.80 -27.60
CA PHE A 219 15.18 11.07 -26.77
C PHE A 219 13.89 11.91 -26.57
N VAL A 220 12.83 11.28 -26.08
CA VAL A 220 11.56 11.99 -25.84
C VAL A 220 11.56 12.59 -24.42
N HIS A 221 11.49 13.91 -24.31
CA HIS A 221 11.43 14.53 -23.03
C HIS A 221 9.95 14.63 -22.64
N VAL A 222 9.51 13.80 -21.70
CA VAL A 222 8.07 13.73 -21.40
C VAL A 222 7.60 14.98 -20.63
N ASN A 223 8.54 15.72 -20.06
CA ASN A 223 8.27 17.00 -19.43
C ASN A 223 7.02 17.07 -18.52
N GLN A 224 7.09 16.42 -17.37
CA GLN A 224 5.92 16.37 -16.43
C GLN A 224 5.51 17.78 -15.97
N PHE A 225 6.43 18.73 -15.98
CA PHE A 225 6.12 20.13 -15.58
C PHE A 225 5.25 20.88 -16.59
N TYR A 226 5.17 20.35 -17.82
CA TYR A 226 4.41 20.98 -18.88
C TYR A 226 3.44 20.05 -19.61
N ASN A 227 3.47 18.75 -19.35
CA ASN A 227 2.68 17.83 -20.11
C ASN A 227 1.27 17.71 -19.54
N ASP A 228 0.26 18.05 -20.30
CA ASP A 228 -1.08 18.12 -19.74
C ASP A 228 -1.60 16.77 -19.27
N ALA A 229 -1.03 15.67 -19.74
CA ALA A 229 -1.41 14.35 -19.27
C ALA A 229 -1.20 14.15 -17.74
N ASN A 230 -0.33 14.94 -17.17
CA ASN A 230 -0.11 14.97 -15.74
C ASN A 230 -1.41 15.46 -15.08
N PHE A 231 -1.85 16.66 -15.42
CA PHE A 231 -3.13 17.22 -14.92
C PHE A 231 -4.31 16.27 -15.21
N GLU A 232 -4.37 15.71 -16.40
CA GLU A 232 -5.45 14.83 -16.77
C GLU A 232 -5.52 13.57 -15.94
N ALA A 233 -4.37 13.02 -15.66
CA ALA A 233 -4.27 11.83 -14.81
C ALA A 233 -4.88 12.06 -13.47
N HIS A 234 -4.64 13.27 -12.94
CA HIS A 234 -5.14 13.58 -11.61
C HIS A 234 -6.62 13.96 -11.63
N MET A 235 -7.11 14.50 -12.74
CA MET A 235 -8.54 14.77 -12.87
C MET A 235 -9.32 13.42 -12.81
N ARG A 236 -8.92 12.43 -13.63
CA ARG A 236 -9.65 11.19 -13.70
C ARG A 236 -9.37 10.23 -12.52
N GLY A 237 -8.25 10.44 -11.86
CA GLY A 237 -7.83 9.62 -10.79
C GLY A 237 -8.06 10.37 -9.47
N THR A 238 -6.98 11.00 -9.00
CA THR A 238 -6.93 11.64 -7.66
C THR A 238 -8.19 12.48 -7.33
N ALA A 239 -8.53 13.41 -8.19
CA ALA A 239 -9.64 14.33 -7.97
C ALA A 239 -11.01 13.69 -7.99
N ARG A 240 -11.33 12.96 -9.06
CA ARG A 240 -12.54 12.17 -9.12
C ARG A 240 -12.66 11.35 -7.85
N GLU A 241 -11.58 10.72 -7.43
CA GLU A 241 -11.68 9.90 -6.25
C GLU A 241 -12.06 10.71 -5.01
N ILE A 242 -11.49 11.88 -4.86
CA ILE A 242 -11.88 12.69 -3.68
C ILE A 242 -13.37 12.98 -3.72
N PHE A 243 -13.86 13.24 -4.93
CA PHE A 243 -15.27 13.54 -5.13
C PHE A 243 -16.11 12.33 -4.78
N VAL A 244 -15.80 11.21 -5.44
CA VAL A 244 -16.56 10.00 -5.22
C VAL A 244 -16.46 9.47 -3.77
N GLN A 245 -15.24 9.48 -3.22
CA GLN A 245 -15.03 9.01 -1.89
C GLN A 245 -15.82 9.92 -0.92
N SER A 246 -15.76 11.23 -1.14
CA SER A 246 -16.49 12.18 -0.26
C SER A 246 -17.99 11.95 -0.30
N ARG A 247 -18.57 11.72 -1.47
CA ARG A 247 -20.04 11.52 -1.56
C ARG A 247 -20.42 10.19 -0.95
N ARG A 248 -19.81 9.13 -1.42
CA ARG A 248 -20.11 7.78 -0.97
CA ARG A 248 -20.19 7.81 -0.95
C ARG A 248 -19.72 7.56 0.49
N GLY A 249 -18.65 8.21 0.95
CA GLY A 249 -18.28 8.07 2.36
C GLY A 249 -19.08 8.94 3.35
N GLY A 250 -20.02 9.74 2.91
CA GLY A 250 -20.79 10.57 3.83
C GLY A 250 -20.11 11.85 4.30
N LEU A 251 -19.00 12.25 3.68
CA LEU A 251 -18.31 13.44 4.16
C LEU A 251 -19.07 14.73 3.87
N ALA A 252 -18.85 15.73 4.72
CA ALA A 252 -19.31 17.10 4.41
C ALA A 252 -18.07 17.83 3.91
N LEU A 253 -17.80 17.69 2.62
CA LEU A 253 -16.53 18.13 2.09
C LEU A 253 -16.44 19.65 1.94
N ARG A 254 -15.55 20.26 2.70
CA ARG A 254 -15.41 21.71 2.58
C ARG A 254 -14.11 22.14 1.98
N GLY A 255 -13.16 21.23 1.86
CA GLY A 255 -11.86 21.67 1.36
C GLY A 255 -10.92 20.52 1.13
N VAL A 256 -9.91 20.78 0.32
CA VAL A 256 -8.79 19.87 0.21
C VAL A 256 -7.58 20.65 0.55
N ALA A 257 -6.52 19.92 0.95
CA ALA A 257 -5.24 20.49 1.28
C ALA A 257 -4.12 19.72 0.64
N GLY A 258 -3.09 20.40 0.21
CA GLY A 258 -2.01 19.70 -0.47
C GLY A 258 -0.86 20.60 -0.85
N SER A 259 0.07 20.05 -1.59
CA SER A 259 1.37 20.63 -1.84
C SER A 259 1.58 20.66 -3.38
N LEU A 260 2.61 21.38 -3.82
CA LEU A 260 2.77 21.74 -5.24
C LEU A 260 4.20 21.55 -5.68
N GLY A 261 4.43 20.68 -6.67
CA GLY A 261 5.71 20.50 -7.35
C GLY A 261 5.49 20.98 -8.77
N THR A 262 4.95 20.08 -9.60
CA THR A 262 4.39 20.44 -10.91
C THR A 262 3.07 21.22 -10.83
N SER A 263 2.37 21.05 -9.69
CA SER A 263 1.04 21.52 -9.41
C SER A 263 0.02 20.60 -10.03
N GLY A 264 0.44 19.51 -10.61
CA GLY A 264 -0.53 18.62 -11.27
C GLY A 264 -1.67 18.08 -10.38
N HIS A 265 -1.33 17.49 -9.26
CA HIS A 265 -2.44 16.83 -8.45
C HIS A 265 -3.39 17.77 -7.74
N MET A 266 -2.86 18.85 -7.18
CA MET A 266 -3.70 19.77 -6.44
C MET A 266 -4.46 20.69 -7.38
N SER A 267 -3.91 21.02 -8.56
CA SER A 267 -4.71 21.78 -9.57
C SER A 267 -5.90 20.95 -9.98
N ALA A 268 -5.70 19.64 -10.23
CA ALA A 268 -6.82 18.82 -10.60
C ALA A 268 -7.84 18.73 -9.47
N ALA A 269 -7.38 18.49 -8.23
CA ALA A 269 -8.32 18.36 -7.14
C ALA A 269 -9.18 19.61 -7.00
N ALA A 270 -8.53 20.75 -7.05
CA ALA A 270 -9.25 22.00 -6.84
C ALA A 270 -10.15 22.23 -8.06
N PHE A 271 -9.64 22.08 -9.27
CA PHE A 271 -10.47 22.29 -10.43
C PHE A 271 -11.72 21.43 -10.49
N TYR A 272 -11.55 20.15 -10.14
CA TYR A 272 -12.62 19.21 -10.23
C TYR A 272 -13.66 19.54 -9.17
N LEU A 273 -13.20 19.63 -7.94
CA LEU A 273 -14.13 19.77 -6.86
C LEU A 273 -14.87 21.13 -6.96
N GLN A 274 -14.18 22.17 -7.38
CA GLN A 274 -14.75 23.52 -7.49
C GLN A 274 -15.70 23.63 -8.65
N SER A 275 -15.62 22.70 -9.60
CA SER A 275 -16.64 22.61 -10.62
C SER A 275 -17.96 22.12 -10.02
N VAL A 276 -17.88 21.14 -9.12
CA VAL A 276 -19.05 20.63 -8.47
C VAL A 276 -19.57 21.68 -7.43
N ASP A 277 -18.69 22.24 -6.65
CA ASP A 277 -19.08 23.25 -5.64
C ASP A 277 -17.92 24.24 -5.45
N PRO A 278 -18.07 25.45 -6.00
CA PRO A 278 -16.99 26.40 -6.03
C PRO A 278 -16.60 26.96 -4.67
N SER A 279 -17.41 26.73 -3.63
CA SER A 279 -17.01 27.11 -2.26
C SER A 279 -16.00 26.18 -1.63
N ILE A 280 -15.76 25.01 -2.23
CA ILE A 280 -14.79 24.10 -1.67
C ILE A 280 -13.41 24.74 -1.74
N ARG A 281 -12.76 24.78 -0.60
CA ARG A 281 -11.45 25.42 -0.49
C ARG A 281 -10.28 24.54 -1.02
N ALA A 282 -9.20 25.20 -1.45
CA ALA A 282 -7.97 24.50 -1.71
C ALA A 282 -6.85 25.20 -0.95
N VAL A 283 -6.42 24.56 0.11
CA VAL A 283 -5.34 25.07 0.95
C VAL A 283 -4.03 24.43 0.53
N LEU A 284 -3.07 25.24 0.18
CA LEU A 284 -1.92 24.80 -0.50
C LEU A 284 -0.71 25.32 0.25
N VAL A 285 0.26 24.42 0.39
CA VAL A 285 1.53 24.67 1.04
C VAL A 285 2.43 25.62 0.22
N GLN A 286 2.98 26.61 0.94
CA GLN A 286 4.07 27.49 0.48
C GLN A 286 5.28 27.19 1.35
N PRO A 287 6.24 26.41 0.87
CA PRO A 287 7.42 26.18 1.62
C PRO A 287 8.09 27.52 1.94
N ALA A 288 8.42 27.70 3.22
CA ALA A 288 9.00 28.94 3.72
C ALA A 288 10.32 29.19 3.00
N GLN A 289 10.58 30.47 2.74
CA GLN A 289 11.81 30.87 2.02
C GLN A 289 13.03 30.36 2.73
N GLY A 290 13.95 29.79 1.97
CA GLY A 290 15.15 29.18 2.53
C GLY A 290 14.98 27.68 2.81
N ASP A 291 13.75 27.18 2.85
CA ASP A 291 13.57 25.78 3.26
C ASP A 291 13.37 24.90 2.07
N SER A 292 13.84 23.67 2.17
CA SER A 292 13.53 22.66 1.18
C SER A 292 12.71 21.53 1.75
N ILE A 293 11.49 21.38 1.26
CA ILE A 293 10.66 20.25 1.54
C ILE A 293 10.60 19.43 0.26
N PRO A 294 11.06 18.19 0.30
CA PRO A 294 11.29 17.40 -0.89
C PRO A 294 10.03 17.21 -1.75
N GLY A 295 10.25 17.39 -3.05
CA GLY A 295 9.17 17.20 -4.02
C GLY A 295 8.40 18.47 -4.29
N ILE A 296 8.54 19.48 -3.43
CA ILE A 296 7.65 20.61 -3.50
C ILE A 296 8.36 21.97 -3.50
N ARG A 297 7.62 22.98 -3.88
CA ARG A 297 8.14 24.33 -4.00
C ARG A 297 7.07 25.42 -3.92
N ARG A 298 7.57 26.67 -3.98
CA ARG A 298 6.72 27.80 -3.82
C ARG A 298 6.07 28.11 -5.14
N VAL A 299 4.85 28.63 -5.07
CA VAL A 299 4.11 28.98 -6.25
C VAL A 299 4.86 29.89 -7.24
N GLU A 300 5.56 30.89 -6.75
CA GLU A 300 6.05 31.94 -7.69
C GLU A 300 7.05 31.29 -8.62
N THR A 301 7.09 31.78 -9.85
CA THR A 301 7.61 30.95 -10.93
C THR A 301 6.47 30.90 -12.02
N GLY A 302 6.46 29.83 -12.84
CA GLY A 302 5.39 29.55 -13.80
C GLY A 302 5.00 28.05 -13.77
N MET A 303 4.61 27.53 -12.59
CA MET A 303 3.78 26.35 -12.51
C MET A 303 2.58 26.48 -13.45
N LEU A 304 2.27 25.44 -14.19
CA LEU A 304 1.34 25.62 -15.29
C LEU A 304 -0.15 25.68 -14.89
N TRP A 305 -0.69 24.57 -14.40
CA TRP A 305 -2.12 24.43 -14.26
C TRP A 305 -2.67 25.29 -13.13
N ILE A 306 -1.96 25.40 -12.04
CA ILE A 306 -2.59 26.12 -10.91
C ILE A 306 -2.73 27.58 -11.28
N ASN A 307 -1.86 28.10 -12.13
CA ASN A 307 -1.97 29.47 -12.57
C ASN A 307 -2.90 29.66 -13.74
N MET A 308 -2.89 28.75 -14.69
CA MET A 308 -3.57 29.04 -15.96
C MET A 308 -5.04 28.72 -15.85
N LEU A 309 -5.43 27.85 -14.92
CA LEU A 309 -6.80 27.39 -14.85
C LEU A 309 -7.54 28.23 -13.84
N ASP A 310 -8.87 28.29 -13.96
CA ASP A 310 -9.76 29.09 -13.07
C ASP A 310 -9.97 28.32 -11.78
N ILE A 311 -8.94 28.40 -10.95
CA ILE A 311 -8.84 27.68 -9.71
C ILE A 311 -8.77 28.69 -8.53
N SER A 312 -9.54 28.45 -7.53
CA SER A 312 -9.47 29.28 -6.31
C SER A 312 -8.62 28.50 -5.26
N TYR A 313 -7.67 29.19 -4.61
CA TYR A 313 -6.89 28.60 -3.57
C TYR A 313 -6.40 29.61 -2.56
N THR A 314 -5.87 29.12 -1.44
CA THR A 314 -5.29 29.91 -0.40
C THR A 314 -3.98 29.30 0.00
N LEU A 315 -2.95 30.10 0.13
CA LEU A 315 -1.66 29.61 0.51
C LEU A 315 -1.40 29.73 2.00
N ALA A 316 -0.70 28.74 2.56
CA ALA A 316 -0.20 28.86 3.92
C ALA A 316 1.27 28.60 3.92
N GLU A 317 2.08 29.45 4.59
CA GLU A 317 3.53 29.21 4.75
C GLU A 317 3.82 28.11 5.72
N VAL A 318 4.72 27.24 5.34
CA VAL A 318 5.12 26.15 6.22
C VAL A 318 6.63 25.98 6.16
N THR A 319 7.28 25.94 7.31
CA THR A 319 8.73 25.69 7.32
C THR A 319 8.92 24.16 7.29
N LEU A 320 10.09 23.73 6.86
CA LEU A 320 10.44 22.31 6.86
C LEU A 320 10.28 21.73 8.30
N GLU A 321 10.69 22.52 9.29
CA GLU A 321 10.59 22.09 10.66
C GLU A 321 9.14 21.86 11.07
N GLU A 322 8.24 22.74 10.67
CA GLU A 322 6.82 22.56 10.95
C GLU A 322 6.25 21.37 10.21
N ALA A 323 6.69 21.13 8.98
CA ALA A 323 6.25 19.99 8.20
C ALA A 323 6.60 18.64 8.89
N MET A 324 7.85 18.52 9.30
CA MET A 324 8.31 17.35 10.02
C MET A 324 7.70 17.20 11.38
N GLU A 325 7.40 18.32 12.03
CA GLU A 325 6.66 18.23 13.27
C GLU A 325 5.24 17.59 13.04
N ALA A 326 4.60 17.95 11.94
CA ALA A 326 3.33 17.32 11.55
C ALA A 326 3.56 15.84 11.22
N VAL A 327 4.68 15.50 10.61
CA VAL A 327 4.97 14.10 10.36
C VAL A 327 4.96 13.38 11.72
N VAL A 328 5.70 13.92 12.68
CA VAL A 328 5.77 13.36 14.02
C VAL A 328 4.41 13.15 14.62
N GLU A 329 3.56 14.17 14.54
CA GLU A 329 2.27 14.12 15.22
C GLU A 329 1.27 13.24 14.55
N VAL A 330 1.30 13.15 13.22
CA VAL A 330 0.46 12.18 12.52
C VAL A 330 0.90 10.78 12.89
N ALA A 331 2.21 10.54 12.91
CA ALA A 331 2.67 9.26 13.34
C ALA A 331 2.13 8.89 14.76
N ARG A 332 2.21 9.82 15.69
CA ARG A 332 1.85 9.54 17.08
C ARG A 332 0.35 9.51 17.28
N SER A 333 -0.39 10.12 16.38
CA SER A 333 -1.86 10.10 16.42
CA SER A 333 -1.85 10.11 16.45
C SER A 333 -2.44 8.88 15.69
N ASP A 334 -1.93 8.56 14.51
CA ASP A 334 -2.55 7.55 13.61
C ASP A 334 -1.75 6.27 13.33
N GLY A 335 -0.49 6.21 13.78
CA GLY A 335 0.40 5.17 13.41
C GLY A 335 0.81 5.17 11.97
N LEU A 336 0.44 6.22 11.23
CA LEU A 336 0.82 6.38 9.82
C LEU A 336 2.05 7.26 9.63
N VAL A 337 2.99 6.81 8.81
CA VAL A 337 4.26 7.49 8.70
C VAL A 337 4.26 8.18 7.32
N ILE A 338 4.00 9.49 7.31
CA ILE A 338 3.83 10.25 6.05
C ILE A 338 5.09 11.00 5.70
N GLY A 339 5.20 11.38 4.43
CA GLY A 339 6.38 12.09 3.96
C GLY A 339 6.32 13.58 4.30
N PRO A 340 7.45 14.27 4.13
CA PRO A 340 7.49 15.69 4.48
C PRO A 340 6.47 16.53 3.79
N SER A 341 6.23 16.31 2.50
CA SER A 341 5.24 17.13 1.78
C SER A 341 3.81 16.90 2.35
N GLY A 342 3.57 15.66 2.78
CA GLY A 342 2.34 15.32 3.45
C GLY A 342 2.15 16.04 4.78
N GLY A 343 3.19 16.03 5.60
CA GLY A 343 3.21 16.80 6.84
C GLY A 343 3.01 18.29 6.59
N ALA A 344 3.64 18.79 5.52
CA ALA A 344 3.51 20.21 5.22
C ALA A 344 2.05 20.57 4.92
N ALA A 345 1.36 19.69 4.20
CA ALA A 345 -0.03 19.88 3.85
C ALA A 345 -0.97 19.84 5.08
N VAL A 346 -0.77 18.83 5.94
CA VAL A 346 -1.46 18.79 7.22
C VAL A 346 -1.28 20.13 8.01
N LYS A 347 -0.05 20.60 8.08
CA LYS A 347 0.26 21.85 8.77
C LYS A 347 -0.40 23.09 8.13
N ALA A 348 -0.39 23.14 6.80
CA ALA A 348 -1.06 24.25 6.11
C ALA A 348 -2.53 24.24 6.49
N LEU A 349 -3.13 23.08 6.56
CA LEU A 349 -4.55 23.01 6.92
C LEU A 349 -4.75 23.42 8.42
N ALA A 350 -3.87 22.99 9.29
CA ALA A 350 -3.96 23.36 10.69
C ALA A 350 -3.86 24.87 10.89
N LYS A 351 -2.99 25.53 10.10
CA LYS A 351 -2.79 26.96 10.22
C LYS A 351 -4.04 27.68 9.80
N LYS A 352 -4.60 27.31 8.66
CA LYS A 352 -5.82 27.96 8.22
C LYS A 352 -7.00 27.67 9.15
N ALA A 353 -7.00 26.45 9.71
CA ALA A 353 -7.99 26.09 10.68
C ALA A 353 -7.85 27.01 11.93
N ALA A 354 -6.62 27.18 12.45
CA ALA A 354 -6.41 28.00 13.63
C ALA A 354 -6.80 29.46 13.37
N GLU A 355 -6.58 29.99 12.18
CA GLU A 355 -6.90 31.39 11.90
C GLU A 355 -8.39 31.64 11.83
N GLY A 356 -9.19 30.61 11.81
CA GLY A 356 -10.65 30.83 11.70
C GLY A 356 -11.12 30.96 10.27
N ASP A 357 -10.25 30.64 9.34
CA ASP A 357 -10.54 30.87 7.94
C ASP A 357 -11.41 29.80 7.27
N LEU A 358 -11.61 28.66 7.93
CA LEU A 358 -12.27 27.56 7.29
C LEU A 358 -13.62 27.20 7.93
N GLU A 359 -14.62 26.97 7.10
CA GLU A 359 -15.87 26.36 7.60
C GLU A 359 -15.62 24.99 8.26
N PRO A 360 -16.25 24.71 9.40
CA PRO A 360 -16.20 23.38 9.94
C PRO A 360 -16.76 22.36 8.96
N GLY A 361 -16.15 21.20 8.96
CA GLY A 361 -16.49 20.16 8.03
C GLY A 361 -15.31 19.24 7.81
N ASP A 362 -15.47 18.43 6.76
CA ASP A 362 -14.47 17.44 6.36
C ASP A 362 -13.52 18.04 5.33
N TYR A 363 -12.23 17.86 5.54
CA TYR A 363 -11.15 18.33 4.69
C TYR A 363 -10.26 17.15 4.33
N VAL A 364 -10.01 17.00 3.05
CA VAL A 364 -9.11 15.96 2.55
C VAL A 364 -7.71 16.48 2.29
N VAL A 365 -6.74 15.94 3.00
CA VAL A 365 -5.37 16.17 2.75
C VAL A 365 -4.78 15.06 1.87
N VAL A 366 -4.27 15.46 0.70
CA VAL A 366 -3.50 14.55 -0.15
C VAL A 366 -2.08 14.37 0.38
N VAL A 367 -1.74 13.13 0.77
CA VAL A 367 -0.45 12.75 1.27
C VAL A 367 0.32 12.10 0.11
N PRO A 368 1.30 12.81 -0.45
CA PRO A 368 1.90 12.32 -1.69
C PRO A 368 2.70 11.00 -1.51
N ASP A 369 3.30 10.81 -0.33
N ASP A 369 3.33 10.78 -0.36
CA ASP A 369 4.36 9.84 -0.16
CA ASP A 369 4.10 9.57 -0.24
C ASP A 369 4.39 9.19 1.22
C ASP A 369 4.36 9.16 1.20
N THR A 370 5.21 8.14 1.36
CA THR A 370 5.45 7.51 2.66
C THR A 370 6.73 8.10 3.27
N GLY A 371 6.68 8.37 4.56
CA GLY A 371 7.85 8.82 5.32
C GLY A 371 8.97 7.86 5.49
N PHE A 372 8.74 6.61 5.15
CA PHE A 372 9.80 5.63 5.20
C PHE A 372 10.95 6.00 4.30
N LYS A 373 10.67 6.82 3.29
CA LYS A 373 11.68 7.20 2.35
C LYS A 373 12.58 8.34 2.83
N TYR A 374 12.27 8.96 3.96
CA TYR A 374 12.97 10.15 4.39
C TYR A 374 13.55 10.04 5.80
N LEU A 375 14.38 9.04 6.00
CA LEU A 375 14.87 8.75 7.34
C LEU A 375 15.79 9.83 7.91
N SER A 376 16.61 10.45 7.07
CA SER A 376 17.49 11.41 7.66
C SER A 376 16.73 12.69 8.07
N LEU A 377 15.67 13.07 7.34
CA LEU A 377 14.79 14.14 7.81
C LEU A 377 14.03 13.73 9.06
N VAL A 378 13.63 12.46 9.14
CA VAL A 378 12.95 12.02 10.35
C VAL A 378 13.89 12.12 11.56
N GLN A 379 15.12 11.65 11.38
CA GLN A 379 16.09 11.72 12.45
C GLN A 379 16.31 13.14 12.93
N ASN A 380 16.49 14.08 12.00
CA ASN A 380 16.64 15.48 12.42
C ASN A 380 15.50 16.02 13.21
N ALA A 381 14.30 15.60 12.87
CA ALA A 381 13.15 16.09 13.53
C ALA A 381 13.06 15.53 14.92
N LEU A 382 13.60 14.33 15.16
CA LEU A 382 13.61 13.75 16.50
C LEU A 382 14.68 14.46 17.35
N GLU A 383 15.89 14.67 16.82
CA GLU A 383 16.80 15.81 17.13
C GLU A 383 18.09 15.80 16.33
N ALA B 2 -30.39 -20.36 10.30
CA ALA B 2 -30.11 -19.71 11.63
C ALA B 2 -28.60 -19.75 11.93
N LEU B 3 -28.04 -18.57 12.10
CA LEU B 3 -26.63 -18.33 12.37
C LEU B 3 -26.55 -17.26 13.42
N ALA B 4 -25.50 -17.25 14.22
CA ALA B 4 -25.30 -16.14 15.11
C ALA B 4 -24.03 -15.39 14.70
N ASP B 5 -24.01 -14.07 14.95
CA ASP B 5 -22.82 -13.24 14.82
CA ASP B 5 -22.81 -13.28 14.77
C ASP B 5 -21.72 -13.73 15.78
N ILE B 6 -20.57 -14.09 15.26
CA ILE B 6 -19.52 -14.60 16.15
C ILE B 6 -19.05 -13.56 17.16
N SER B 7 -19.22 -12.27 16.92
CA SER B 7 -18.69 -11.30 17.87
C SER B 7 -19.33 -11.41 19.24
N GLY B 8 -20.55 -11.96 19.34
CA GLY B 8 -21.13 -12.20 20.62
C GLY B 8 -20.59 -13.42 21.34
N TYR B 9 -19.56 -14.07 20.79
CA TYR B 9 -19.06 -15.32 21.32
C TYR B 9 -17.57 -15.27 21.57
N LEU B 10 -16.94 -14.11 21.37
CA LEU B 10 -15.48 -14.06 21.35
C LEU B 10 -14.81 -14.10 22.71
N ASP B 11 -15.57 -14.16 23.81
CA ASP B 11 -14.92 -14.39 25.08
C ASP B 11 -14.13 -15.68 25.09
N VAL B 12 -14.41 -16.56 24.12
CA VAL B 12 -13.62 -17.80 24.04
C VAL B 12 -12.09 -17.53 23.80
N LEU B 13 -11.73 -16.39 23.21
CA LEU B 13 -10.33 -16.02 22.97
C LEU B 13 -9.57 -15.82 24.28
N ASP B 14 -10.30 -15.48 25.34
CA ASP B 14 -9.70 -15.29 26.65
C ASP B 14 -9.51 -16.60 27.36
N SER B 15 -10.35 -17.57 27.11
CA SER B 15 -10.35 -18.77 27.93
C SER B 15 -9.76 -19.99 27.21
N VAL B 16 -9.88 -20.10 25.90
CA VAL B 16 -9.30 -21.27 25.23
C VAL B 16 -7.81 -21.23 25.23
N ARG B 17 -7.20 -22.35 25.57
CA ARG B 17 -5.79 -22.48 25.52
C ARG B 17 -5.43 -23.73 24.74
N GLY B 18 -4.17 -23.81 24.32
CA GLY B 18 -3.58 -24.98 23.67
C GLY B 18 -3.89 -25.02 22.16
N PHE B 19 -3.44 -26.08 21.51
CA PHE B 19 -3.65 -26.23 20.08
C PHE B 19 -4.75 -27.21 19.67
N SER B 20 -5.43 -27.84 20.61
CA SER B 20 -6.37 -28.88 20.21
C SER B 20 -7.50 -28.29 19.38
N TYR B 21 -7.83 -27.02 19.62
CA TYR B 21 -8.85 -26.34 18.81
C TYR B 21 -8.54 -26.41 17.30
N LEU B 22 -7.26 -26.48 16.93
CA LEU B 22 -6.82 -26.52 15.54
C LEU B 22 -7.25 -27.79 14.79
N GLU B 23 -7.59 -28.83 15.53
CA GLU B 23 -8.16 -29.97 14.92
C GLU B 23 -9.51 -29.63 14.31
N ASN B 24 -10.26 -28.79 14.98
CA ASN B 24 -11.57 -28.35 14.51
C ASN B 24 -11.39 -27.43 13.36
N ALA B 25 -10.42 -26.52 13.45
CA ALA B 25 -10.18 -25.61 12.32
C ALA B 25 -9.85 -26.38 11.04
N ARG B 26 -8.95 -27.35 11.15
CA ARG B 26 -8.57 -28.18 10.04
C ARG B 26 -9.78 -28.92 9.43
N GLU B 27 -10.60 -29.54 10.28
CA GLU B 27 -11.72 -30.34 9.80
C GLU B 27 -12.79 -29.47 9.13
N VAL B 28 -13.10 -28.33 9.73
CA VAL B 28 -14.04 -27.38 9.13
C VAL B 28 -13.55 -26.93 7.79
N LEU B 29 -12.23 -26.66 7.67
CA LEU B 29 -11.67 -26.19 6.43
C LEU B 29 -11.68 -27.35 5.40
N ARG B 30 -11.35 -28.57 5.85
CA ARG B 30 -11.29 -29.68 4.92
C ARG B 30 -12.68 -30.03 4.36
N SER B 31 -13.66 -30.19 5.24
CA SER B 31 -15.04 -30.56 4.87
C SER B 31 -15.77 -29.37 4.30
N GLY B 32 -15.26 -28.19 4.60
CA GLY B 32 -15.87 -26.95 4.17
C GLY B 32 -17.24 -26.66 4.78
N GLU B 33 -17.48 -27.18 5.99
CA GLU B 33 -18.70 -26.90 6.71
CA GLU B 33 -18.74 -27.00 6.72
C GLU B 33 -18.49 -26.97 8.21
N ALA B 34 -19.45 -26.41 8.93
CA ALA B 34 -19.50 -26.40 10.37
C ALA B 34 -20.95 -26.67 10.83
N ARG B 35 -21.10 -27.20 12.02
CA ARG B 35 -22.42 -27.63 12.51
C ARG B 35 -22.32 -27.62 14.01
N CYS B 36 -23.42 -27.24 14.69
CA CYS B 36 -23.45 -27.26 16.15
C CYS B 36 -24.70 -27.96 16.62
N LEU B 37 -24.55 -28.70 17.72
CA LEU B 37 -25.66 -29.45 18.26
C LEU B 37 -26.23 -28.76 19.45
N GLY B 38 -25.42 -28.06 20.21
CA GLY B 38 -26.00 -27.37 21.33
C GLY B 38 -25.82 -25.88 21.21
N ASN B 39 -25.98 -25.27 22.36
CA ASN B 39 -25.44 -23.99 22.57
C ASN B 39 -23.94 -24.03 22.15
N PRO B 40 -23.58 -23.22 21.16
CA PRO B 40 -22.17 -23.17 20.70
C PRO B 40 -21.13 -22.91 21.78
N ARG B 41 -21.49 -22.13 22.81
CA ARG B 41 -20.56 -21.88 23.94
C ARG B 41 -20.16 -23.11 24.68
N SER B 42 -20.94 -24.16 24.65
CA SER B 42 -20.41 -25.36 25.31
C SER B 42 -19.30 -26.06 24.48
N GLU B 43 -18.99 -25.55 23.27
CA GLU B 43 -17.82 -26.04 22.51
C GLU B 43 -16.88 -24.87 22.16
N PRO B 44 -16.24 -24.26 23.18
CA PRO B 44 -15.52 -23.02 22.99
C PRO B 44 -14.36 -23.20 22.04
N GLU B 45 -13.79 -24.38 21.97
CA GLU B 45 -12.69 -24.65 21.01
C GLU B 45 -13.20 -24.58 19.59
N TYR B 46 -14.46 -24.91 19.42
CA TYR B 46 -15.11 -24.91 18.09
C TYR B 46 -15.34 -23.52 17.64
N VAL B 47 -15.90 -22.73 18.54
CA VAL B 47 -16.03 -21.30 18.29
C VAL B 47 -14.68 -20.62 17.99
N LYS B 48 -13.64 -20.92 18.76
CA LYS B 48 -12.33 -20.29 18.46
C LYS B 48 -11.85 -20.73 17.06
N ALA B 49 -12.07 -22.00 16.72
CA ALA B 49 -11.63 -22.50 15.43
C ALA B 49 -12.26 -21.69 14.34
N LEU B 50 -13.54 -21.41 14.50
CA LEU B 50 -14.27 -20.70 13.44
C LEU B 50 -13.74 -19.29 13.31
N TYR B 51 -13.47 -18.68 14.43
CA TYR B 51 -12.89 -17.33 14.41
C TYR B 51 -11.51 -17.36 13.72
N VAL B 52 -10.69 -18.35 14.07
CA VAL B 52 -9.34 -18.37 13.56
C VAL B 52 -9.32 -18.59 12.05
N ILE B 53 -10.31 -19.29 11.49
CA ILE B 53 -10.35 -19.51 10.04
C ILE B 53 -11.01 -18.36 9.23
N GLY B 54 -11.53 -17.38 9.96
CA GLY B 54 -12.08 -16.15 9.40
C GLY B 54 -13.57 -16.01 9.34
N ALA B 55 -14.28 -16.91 10.03
CA ALA B 55 -15.72 -16.81 10.14
C ALA B 55 -16.18 -15.53 10.91
N SER B 56 -17.25 -14.94 10.43
CA SER B 56 -17.92 -13.85 11.14
C SER B 56 -19.23 -14.33 11.74
N ARG B 57 -19.65 -15.54 11.36
CA ARG B 57 -20.86 -16.13 11.88
C ARG B 57 -20.66 -17.56 12.30
N ILE B 58 -21.49 -18.03 13.22
CA ILE B 58 -21.42 -19.43 13.60
C ILE B 58 -22.77 -20.12 13.61
N PRO B 59 -22.77 -21.44 13.46
CA PRO B 59 -24.06 -22.14 13.62
C PRO B 59 -24.57 -22.09 15.03
N VAL B 60 -25.89 -22.20 15.15
CA VAL B 60 -26.57 -22.37 16.42
C VAL B 60 -26.81 -23.88 16.55
N GLY B 61 -27.33 -24.28 17.71
CA GLY B 61 -27.52 -25.69 18.00
C GLY B 61 -28.70 -26.37 17.33
N ASP B 62 -28.93 -26.09 16.05
CA ASP B 62 -30.06 -26.74 15.35
C ASP B 62 -29.53 -27.91 14.51
N GLY B 63 -28.21 -28.13 14.53
CA GLY B 63 -27.61 -29.25 13.77
C GLY B 63 -27.67 -29.10 12.25
N CYS B 64 -28.03 -27.93 11.74
CA CYS B 64 -27.97 -27.70 10.28
C CYS B 64 -26.53 -27.28 9.94
N SER B 65 -25.99 -27.80 8.88
CA SER B 65 -24.65 -27.57 8.64
C SER B 65 -24.60 -26.36 7.75
N HIS B 66 -23.50 -25.63 7.83
CA HIS B 66 -23.33 -24.41 7.05
C HIS B 66 -21.97 -24.35 6.39
N THR B 67 -21.96 -23.79 5.20
CA THR B 67 -20.73 -23.67 4.42
C THR B 67 -19.82 -22.58 4.94
N LEU B 68 -18.56 -22.62 4.50
CA LEU B 68 -17.62 -21.54 4.82
C LEU B 68 -18.17 -20.16 4.33
N GLU B 69 -18.74 -20.17 3.15
CA GLU B 69 -19.34 -18.96 2.59
C GLU B 69 -20.44 -18.41 3.49
N GLU B 70 -21.34 -19.28 3.94
CA GLU B 70 -22.42 -18.88 4.85
C GLU B 70 -21.87 -18.35 6.16
N LEU B 71 -20.76 -18.93 6.61
CA LEU B 71 -20.10 -18.51 7.83
C LEU B 71 -19.33 -17.16 7.75
N GLY B 72 -19.27 -16.56 6.56
CA GLY B 72 -18.63 -15.29 6.31
C GLY B 72 -17.13 -15.41 6.00
N VAL B 73 -16.58 -16.61 5.87
CA VAL B 73 -15.11 -16.76 5.61
C VAL B 73 -14.69 -16.04 4.34
N PHE B 74 -15.56 -16.08 3.33
CA PHE B 74 -15.28 -15.43 2.06
C PHE B 74 -15.75 -14.05 2.01
N ASP B 75 -16.24 -13.46 3.09
CA ASP B 75 -16.68 -12.07 3.09
C ASP B 75 -15.60 -11.05 3.35
N ILE B 76 -14.42 -11.25 2.83
CA ILE B 76 -13.31 -10.37 3.13
C ILE B 76 -13.08 -9.69 1.78
N SER B 77 -13.19 -8.37 1.77
CA SER B 77 -13.33 -7.71 0.51
C SER B 77 -13.24 -6.22 0.81
N VAL B 78 -12.38 -5.56 0.06
CA VAL B 78 -12.10 -4.16 0.28
C VAL B 78 -13.38 -3.34 -0.04
N PRO B 79 -13.66 -2.22 0.69
CA PRO B 79 -14.75 -1.33 0.31
C PRO B 79 -14.54 -0.72 -1.06
N GLY B 80 -15.57 -0.72 -1.87
CA GLY B 80 -15.44 -0.26 -3.22
C GLY B 80 -14.91 1.14 -3.32
N GLU B 81 -15.17 2.00 -2.32
CA GLU B 81 -14.65 3.33 -2.44
C GLU B 81 -13.50 3.68 -1.49
N MET B 82 -13.01 2.70 -0.74
CA MET B 82 -11.74 2.86 -0.03
C MET B 82 -11.76 4.02 0.98
N VAL B 83 -12.85 4.12 1.72
CA VAL B 83 -13.02 5.14 2.78
C VAL B 83 -13.06 4.45 4.14
N PHE B 84 -12.21 4.91 5.04
CA PHE B 84 -12.05 4.27 6.36
C PHE B 84 -12.14 5.28 7.47
N PRO B 85 -13.08 5.08 8.43
CA PRO B 85 -13.30 6.11 9.43
C PRO B 85 -12.31 6.18 10.57
N SER B 86 -11.30 5.31 10.58
CA SER B 86 -10.16 5.47 11.47
C SER B 86 -9.00 4.59 10.99
N PRO B 87 -7.81 4.82 11.54
CA PRO B 87 -6.65 4.01 11.20
C PRO B 87 -6.80 2.51 11.49
N LEU B 88 -7.36 2.16 12.65
CA LEU B 88 -7.56 0.72 12.93
C LEU B 88 -8.59 0.14 11.98
N ASP B 89 -9.63 0.92 11.67
CA ASP B 89 -10.64 0.43 10.70
C ASP B 89 -9.92 0.21 9.35
N PHE B 90 -9.00 1.10 9.02
CA PHE B 90 -8.22 0.96 7.82
C PHE B 90 -7.41 -0.35 7.87
N PHE B 91 -6.69 -0.57 8.95
CA PHE B 91 -6.00 -1.84 9.04
C PHE B 91 -6.91 -3.05 8.87
N GLU B 92 -8.09 -3.02 9.48
CA GLU B 92 -8.97 -4.16 9.41
C GLU B 92 -9.59 -4.36 8.03
N ARG B 93 -10.03 -3.30 7.38
CA ARG B 93 -10.87 -3.38 6.20
C ARG B 93 -10.13 -3.09 4.91
N GLY B 94 -8.92 -2.57 5.01
CA GLY B 94 -8.07 -2.35 3.80
C GLY B 94 -7.33 -3.60 3.37
N LYS B 95 -8.13 -4.66 3.26
CA LYS B 95 -7.70 -6.04 3.08
C LYS B 95 -8.71 -6.69 2.09
N PRO B 96 -8.26 -7.68 1.32
CA PRO B 96 -6.98 -8.30 1.37
C PRO B 96 -5.85 -7.41 0.89
N THR B 97 -4.64 -7.76 1.33
CA THR B 97 -3.43 -7.25 0.69
C THR B 97 -3.35 -7.75 -0.79
N PRO B 98 -2.75 -6.94 -1.68
CA PRO B 98 -2.94 -7.29 -3.11
C PRO B 98 -2.25 -8.57 -3.46
N LEU B 99 -2.85 -9.24 -4.41
CA LEU B 99 -2.23 -10.42 -5.02
C LEU B 99 -2.15 -10.18 -6.54
N VAL B 100 -0.93 -10.03 -7.05
CA VAL B 100 -0.66 -9.60 -8.40
C VAL B 100 0.16 -10.69 -9.16
N ARG B 101 -0.37 -11.13 -10.30
CA ARG B 101 0.30 -12.07 -11.16
C ARG B 101 1.60 -11.43 -11.65
N SER B 102 2.70 -12.15 -11.51
CA SER B 102 3.98 -11.67 -12.01
C SER B 102 4.17 -12.13 -13.46
N ARG B 103 4.99 -11.39 -14.21
CA ARG B 103 5.52 -11.83 -15.49
C ARG B 103 6.80 -12.65 -15.45
N LEU B 104 7.38 -12.80 -14.28
CA LEU B 104 8.49 -13.74 -14.19
C LEU B 104 8.11 -15.14 -14.70
N GLN B 105 8.99 -15.73 -15.49
CA GLN B 105 8.76 -17.03 -16.08
C GLN B 105 9.55 -18.05 -15.30
N LEU B 106 8.91 -18.97 -14.62
CA LEU B 106 9.63 -20.06 -13.93
C LEU B 106 9.51 -21.23 -14.81
N PRO B 107 10.38 -22.22 -14.68
CA PRO B 107 10.18 -23.40 -15.56
C PRO B 107 9.03 -24.31 -15.10
N ASN B 108 8.64 -25.23 -15.99
CA ASN B 108 7.77 -26.33 -15.63
C ASN B 108 6.38 -25.91 -15.17
N GLY B 109 5.82 -24.91 -15.83
CA GLY B 109 4.46 -24.50 -15.61
C GLY B 109 4.16 -23.86 -14.26
N VAL B 110 5.19 -23.40 -13.55
CA VAL B 110 4.96 -22.77 -12.26
C VAL B 110 4.70 -21.28 -12.49
N ARG B 111 3.46 -20.86 -12.28
CA ARG B 111 3.05 -19.45 -12.41
C ARG B 111 3.10 -18.72 -11.04
N VAL B 112 3.76 -17.57 -11.06
CA VAL B 112 3.98 -16.82 -9.89
C VAL B 112 3.00 -15.69 -9.73
N TRP B 113 2.50 -15.57 -8.51
CA TRP B 113 1.69 -14.46 -8.02
C TRP B 113 2.33 -13.93 -6.74
N LEU B 114 2.34 -12.62 -6.56
CA LEU B 114 3.01 -12.01 -5.46
C LEU B 114 1.98 -11.44 -4.53
N LYS B 115 2.00 -11.80 -3.27
CA LYS B 115 1.08 -11.20 -2.28
C LYS B 115 1.81 -10.07 -1.56
N LEU B 116 1.33 -8.85 -1.74
CA LEU B 116 2.18 -7.69 -1.36
C LEU B 116 1.88 -7.17 0.07
N GLU B 117 2.59 -7.71 1.06
CA GLU B 117 2.30 -7.41 2.47
C GLU B 117 2.74 -6.00 2.94
N TRP B 118 3.45 -5.27 2.09
CA TRP B 118 3.76 -3.89 2.34
C TRP B 118 2.57 -2.96 2.34
N TYR B 119 1.42 -3.48 1.88
CA TYR B 119 0.16 -2.78 1.83
C TYR B 119 -0.51 -2.68 3.24
N ASN B 120 0.07 -3.34 4.22
CA ASN B 120 -0.18 -3.06 5.64
C ASN B 120 0.27 -1.61 6.00
N PRO B 121 -0.58 -0.88 6.72
CA PRO B 121 -0.47 0.59 6.79
C PRO B 121 0.53 1.17 7.70
N PHE B 122 1.03 0.39 8.67
CA PHE B 122 1.86 0.98 9.76
C PHE B 122 3.36 0.75 9.54
N SER B 123 3.75 -0.52 9.56
CA SER B 123 5.13 -0.91 9.32
C SER B 123 5.42 -1.18 7.83
N LEU B 124 4.42 -1.11 6.95
CA LEU B 124 4.60 -1.42 5.52
C LEU B 124 5.15 -2.82 5.39
N SER B 125 4.62 -3.71 6.26
CA SER B 125 5.04 -5.07 6.26
C SER B 125 4.01 -6.00 6.79
N VAL B 126 4.22 -7.29 6.51
CA VAL B 126 3.44 -8.39 7.07
C VAL B 126 3.32 -8.39 8.61
N LYS B 127 4.26 -7.76 9.31
CA LYS B 127 4.27 -7.76 10.75
C LYS B 127 3.22 -6.89 11.43
N ASP B 128 2.49 -6.06 10.65
CA ASP B 128 1.41 -5.32 11.23
C ASP B 128 0.39 -6.32 11.81
N ARG B 129 0.21 -7.45 11.16
CA ARG B 129 -0.92 -8.25 11.54
C ARG B 129 -0.77 -8.90 12.89
N PRO B 130 0.39 -9.51 13.18
CA PRO B 130 0.54 -10.01 14.52
C PRO B 130 0.50 -8.87 15.54
N ALA B 131 1.00 -7.68 15.19
CA ALA B 131 0.96 -6.56 16.19
C ALA B 131 -0.45 -6.23 16.63
N VAL B 132 -1.34 -6.12 15.65
CA VAL B 132 -2.71 -5.77 15.92
C VAL B 132 -3.42 -6.88 16.74
N GLU B 133 -3.31 -8.13 16.34
CA GLU B 133 -3.95 -9.23 17.04
C GLU B 133 -3.40 -9.38 18.48
N ILE B 134 -2.08 -9.27 18.65
CA ILE B 134 -1.44 -9.40 19.94
C ILE B 134 -1.94 -8.29 20.84
N ILE B 135 -1.91 -7.06 20.37
CA ILE B 135 -2.30 -5.95 21.26
C ILE B 135 -3.81 -5.94 21.53
N SER B 136 -4.58 -6.12 20.50
CA SER B 136 -5.98 -6.41 20.59
C SER B 136 -6.36 -7.38 21.68
N ARG B 137 -5.78 -8.57 21.64
CA ARG B 137 -6.09 -9.67 22.55
C ARG B 137 -5.85 -9.27 24.00
N LEU B 138 -5.02 -8.28 24.26
CA LEU B 138 -4.61 -8.04 25.59
C LEU B 138 -5.20 -6.75 26.08
N SER B 139 -5.95 -6.11 25.18
CA SER B 139 -6.44 -4.78 25.43
C SER B 139 -7.56 -4.37 26.43
N ARG B 140 -8.57 -5.08 26.95
CA ARG B 140 -8.85 -6.51 27.11
C ARG B 140 -8.63 -6.93 28.56
N ARG B 141 -7.62 -6.37 29.23
CA ARG B 141 -6.99 -7.12 30.31
C ARG B 141 -5.70 -6.49 30.84
N VAL B 142 -5.03 -5.66 30.06
CA VAL B 142 -3.88 -4.97 30.51
C VAL B 142 -4.29 -3.51 30.53
N GLU B 143 -4.04 -2.87 31.67
CA GLU B 143 -4.40 -1.47 31.92
C GLU B 143 -3.70 -0.54 30.91
N LYS B 144 -4.44 0.46 30.44
CA LYS B 144 -3.95 1.36 29.44
C LYS B 144 -2.83 2.11 30.07
N GLY B 145 -1.89 2.55 29.26
CA GLY B 145 -0.78 3.27 29.78
C GLY B 145 0.36 2.35 30.21
N SER B 146 0.09 1.04 30.29
CA SER B 146 1.19 0.05 30.44
C SER B 146 2.18 0.06 29.30
N LEU B 147 3.41 -0.37 29.60
CA LEU B 147 4.45 -0.58 28.61
C LEU B 147 4.42 -2.00 28.05
N VAL B 148 4.41 -2.08 26.73
CA VAL B 148 4.55 -3.33 26.05
C VAL B 148 5.86 -3.31 25.26
N ALA B 149 6.50 -4.44 25.08
CA ALA B 149 7.84 -4.50 24.50
C ALA B 149 8.15 -5.85 23.87
N ASP B 150 9.14 -5.87 22.98
CA ASP B 150 9.65 -7.12 22.40
C ASP B 150 10.99 -6.85 21.68
N ALA B 151 11.61 -7.96 21.29
CA ALA B 151 12.77 -8.02 20.40
C ALA B 151 12.23 -8.05 18.98
N THR B 152 12.92 -7.39 18.05
CA THR B 152 12.57 -7.37 16.64
C THR B 152 13.78 -7.25 15.76
N SER B 153 13.69 -7.81 14.55
CA SER B 153 14.68 -7.51 13.47
C SER B 153 14.45 -6.10 12.90
N SER B 154 13.25 -5.56 13.12
CA SER B 154 12.89 -4.18 12.70
C SER B 154 11.37 -4.03 12.47
N ASN B 155 10.79 -4.90 11.65
CA ASN B 155 9.38 -4.67 11.21
C ASN B 155 8.39 -4.72 12.37
N PHE B 156 8.53 -5.70 13.23
CA PHE B 156 7.58 -5.87 14.34
C PHE B 156 7.72 -4.74 15.30
N GLY B 157 8.92 -4.19 15.49
CA GLY B 157 9.07 -3.07 16.38
C GLY B 157 8.29 -1.84 15.92
N VAL B 158 8.27 -1.62 14.61
CA VAL B 158 7.56 -0.51 14.06
C VAL B 158 6.06 -0.76 14.17
N ALA B 159 5.60 -1.95 13.80
CA ALA B 159 4.20 -2.31 13.91
C ALA B 159 3.72 -2.17 15.34
N LEU B 160 4.49 -2.74 16.27
CA LEU B 160 4.15 -2.70 17.69
C LEU B 160 4.01 -1.26 18.20
N SER B 161 4.94 -0.41 17.77
CA SER B 161 4.94 0.95 18.23
C SER B 161 3.71 1.72 17.77
N ALA B 162 3.35 1.52 16.52
CA ALA B 162 2.19 2.16 15.97
C ALA B 162 0.92 1.63 16.59
N VAL B 163 0.84 0.32 16.69
CA VAL B 163 -0.39 -0.28 17.20
C VAL B 163 -0.55 0.07 18.68
N ALA B 164 0.55 0.18 19.42
CA ALA B 164 0.54 0.59 20.83
C ALA B 164 -0.13 1.94 21.01
N ARG B 165 0.21 2.88 20.12
CA ARG B 165 -0.38 4.24 20.13
C ARG B 165 -1.89 4.12 19.91
N LEU B 166 -2.29 3.28 18.98
CA LEU B 166 -3.69 3.18 18.67
C LEU B 166 -4.50 2.50 19.75
N TYR B 167 -3.86 1.72 20.61
CA TYR B 167 -4.62 1.07 21.71
C TYR B 167 -4.33 1.65 23.12
N GLY B 168 -3.58 2.73 23.23
CA GLY B 168 -3.30 3.39 24.53
C GLY B 168 -2.26 2.79 25.41
N TYR B 169 -1.26 2.17 24.76
CA TYR B 169 -0.09 1.56 25.43
C TYR B 169 1.17 2.30 25.05
N ARG B 170 2.14 2.31 25.93
CA ARG B 170 3.51 2.70 25.60
C ARG B 170 4.27 1.52 25.07
N ALA B 171 5.29 1.79 24.29
CA ALA B 171 6.07 0.74 23.65
C ALA B 171 7.55 0.91 23.84
N ARG B 172 8.20 -0.24 23.86
CA ARG B 172 9.62 -0.27 23.89
C ARG B 172 10.08 -1.38 22.94
N VAL B 173 11.11 -1.09 22.16
CA VAL B 173 11.58 -2.00 21.16
C VAL B 173 13.07 -2.29 21.39
N TYR B 174 13.46 -3.58 21.35
CA TYR B 174 14.82 -4.01 21.43
C TYR B 174 15.29 -4.56 20.11
N LEU B 175 16.35 -4.00 19.57
CA LEU B 175 16.91 -4.46 18.28
C LEU B 175 18.38 -4.88 18.36
N PRO B 176 18.78 -5.83 17.52
CA PRO B 176 20.19 -6.16 17.33
C PRO B 176 20.92 -5.12 16.48
N GLY B 177 22.25 -5.13 16.48
CA GLY B 177 23.01 -4.00 15.88
C GLY B 177 22.88 -3.98 14.36
N ALA B 178 22.70 -5.16 13.82
CA ALA B 178 22.54 -5.34 12.41
C ALA B 178 21.17 -4.89 11.87
N ALA B 179 20.22 -4.51 12.70
CA ALA B 179 18.96 -4.11 12.18
C ALA B 179 19.07 -2.89 11.28
N GLU B 180 18.09 -2.73 10.40
CA GLU B 180 18.09 -1.60 9.50
C GLU B 180 17.78 -0.34 10.29
N GLU B 181 18.24 0.79 9.73
CA GLU B 181 17.99 2.06 10.33
C GLU B 181 16.51 2.38 10.51
N PHE B 182 15.67 1.94 9.59
CA PHE B 182 14.27 2.24 9.74
C PHE B 182 13.75 1.58 11.03
N GLY B 183 14.24 0.40 11.40
CA GLY B 183 13.73 -0.22 12.60
C GLY B 183 14.24 0.45 13.83
N LYS B 184 15.42 1.06 13.76
CA LYS B 184 15.95 1.84 14.92
C LYS B 184 15.33 3.19 15.12
N LEU B 185 14.90 3.81 14.05
CA LEU B 185 14.43 5.16 14.05
C LEU B 185 12.93 5.28 14.12
N LEU B 186 12.20 4.54 13.31
CA LEU B 186 10.79 4.87 13.20
C LEU B 186 9.99 4.59 14.47
N PRO B 187 10.40 3.62 15.32
CA PRO B 187 9.70 3.51 16.60
C PRO B 187 9.79 4.80 17.41
N ARG B 188 10.96 5.47 17.35
CA ARG B 188 11.09 6.78 17.99
C ARG B 188 10.09 7.78 17.42
N LEU B 189 9.98 7.80 16.10
CA LEU B 189 9.01 8.68 15.49
C LEU B 189 7.63 8.41 16.07
N LEU B 190 7.31 7.13 16.27
CA LEU B 190 5.98 6.73 16.71
C LEU B 190 5.83 6.81 18.23
N GLY B 191 6.84 7.37 18.87
CA GLY B 191 6.79 7.64 20.29
C GLY B 191 7.23 6.52 21.18
N ALA B 192 7.90 5.48 20.67
CA ALA B 192 8.36 4.38 21.44
C ALA B 192 9.81 4.59 21.90
N GLN B 193 10.19 3.84 22.94
CA GLN B 193 11.61 3.73 23.39
C GLN B 193 12.32 2.66 22.58
N VAL B 194 13.56 2.95 22.19
CA VAL B 194 14.35 2.00 21.41
C VAL B 194 15.60 1.64 22.14
N ILE B 195 15.88 0.36 22.24
CA ILE B 195 17.15 -0.11 22.78
C ILE B 195 17.86 -0.94 21.72
N VAL B 196 19.08 -0.55 21.37
CA VAL B 196 19.82 -1.28 20.37
C VAL B 196 21.02 -1.95 21.04
N ASP B 197 21.16 -3.25 20.89
CA ASP B 197 22.34 -3.93 21.34
C ASP B 197 23.32 -4.25 20.18
N PRO B 198 24.41 -3.44 20.07
CA PRO B 198 25.24 -3.54 18.87
C PRO B 198 25.91 -4.91 18.84
N GLU B 199 26.00 -5.55 19.98
CA GLU B 199 26.63 -6.83 20.13
C GLU B 199 25.75 -7.99 19.82
N ALA B 200 24.44 -7.81 19.73
CA ALA B 200 23.56 -8.98 19.63
C ALA B 200 23.58 -9.50 18.22
N PRO B 201 23.84 -10.80 18.05
CA PRO B 201 24.05 -11.24 16.67
C PRO B 201 22.77 -11.67 15.97
N SER B 202 21.63 -11.68 16.68
CA SER B 202 20.36 -12.06 16.08
C SER B 202 19.31 -11.46 16.96
N THR B 203 18.09 -11.48 16.48
CA THR B 203 16.95 -11.03 17.24
C THR B 203 16.65 -11.92 18.41
N VAL B 204 16.62 -13.25 18.20
CA VAL B 204 16.25 -14.14 19.32
C VAL B 204 17.26 -14.12 20.46
N HIS B 205 18.53 -13.78 20.16
CA HIS B 205 19.56 -13.57 21.17
C HIS B 205 19.20 -12.52 22.22
N LEU B 206 18.31 -11.59 21.88
CA LEU B 206 17.88 -10.54 22.83
C LEU B 206 16.83 -10.94 23.84
N LEU B 207 16.14 -12.03 23.56
CA LEU B 207 14.95 -12.42 24.35
C LEU B 207 15.26 -12.61 25.84
N PRO B 208 16.39 -13.27 26.20
CA PRO B 208 16.66 -13.34 27.66
C PRO B 208 16.80 -11.99 28.28
N ARG B 209 17.40 -11.00 27.62
CA ARG B 209 17.43 -9.67 28.25
C ARG B 209 16.05 -9.03 28.31
N VAL B 210 15.27 -9.24 27.27
CA VAL B 210 13.93 -8.61 27.31
C VAL B 210 13.12 -9.18 28.50
N MET B 211 13.23 -10.48 28.71
CA MET B 211 12.52 -11.15 29.81
C MET B 211 13.00 -10.70 31.15
N LYS B 212 14.32 -10.53 31.27
CA LYS B 212 14.86 -9.98 32.50
C LYS B 212 14.35 -8.59 32.79
N ASP B 213 14.48 -7.67 31.82
CA ASP B 213 13.97 -6.34 32.05
C ASP B 213 12.47 -6.37 32.39
N SER B 214 11.73 -7.27 31.76
CA SER B 214 10.28 -7.35 31.99
C SER B 214 10.00 -7.68 33.49
N LYS B 215 10.77 -8.62 34.05
CA LYS B 215 10.64 -8.97 35.44
C LYS B 215 11.04 -7.85 36.35
N ASN B 216 12.12 -7.17 36.05
CA ASN B 216 12.47 -5.99 36.83
C ASN B 216 11.49 -4.85 36.70
N GLU B 217 11.16 -4.47 35.47
CA GLU B 217 10.42 -3.24 35.29
C GLU B 217 8.91 -3.43 35.17
N GLY B 218 8.44 -4.65 34.98
CA GLY B 218 7.02 -4.86 35.02
C GLY B 218 6.31 -4.47 33.72
N PHE B 219 7.03 -4.47 32.60
CA PHE B 219 6.36 -4.29 31.30
C PHE B 219 5.88 -5.63 30.74
N VAL B 220 4.92 -5.58 29.83
CA VAL B 220 4.36 -6.81 29.27
C VAL B 220 5.24 -7.19 28.09
N HIS B 221 5.88 -8.31 28.16
CA HIS B 221 6.68 -8.78 27.06
C HIS B 221 5.76 -9.53 26.09
N VAL B 222 5.42 -8.95 24.94
CA VAL B 222 4.35 -9.54 24.12
C VAL B 222 4.87 -10.75 23.37
N ASN B 223 6.19 -10.88 23.24
CA ASN B 223 6.85 -12.11 22.78
C ASN B 223 6.31 -12.79 21.50
N GLN B 224 6.49 -12.11 20.37
CA GLN B 224 5.98 -12.54 19.07
C GLN B 224 6.51 -13.91 18.71
N PHE B 225 7.64 -14.30 19.27
CA PHE B 225 8.21 -15.60 18.91
C PHE B 225 7.44 -16.78 19.50
N TYR B 226 6.60 -16.54 20.51
CA TYR B 226 5.96 -17.60 21.32
CA TYR B 226 5.96 -17.62 21.26
C TYR B 226 4.46 -17.36 21.45
N ASN B 227 4.00 -16.18 21.06
CA ASN B 227 2.63 -15.76 21.33
C ASN B 227 1.73 -16.27 20.25
N ASP B 228 0.77 -17.10 20.61
CA ASP B 228 -0.06 -17.75 19.60
C ASP B 228 -0.91 -16.79 18.82
N ALA B 229 -1.15 -15.60 19.36
CA ALA B 229 -1.89 -14.63 18.61
C ALA B 229 -1.17 -14.22 17.27
N ASN B 230 0.15 -14.44 17.20
CA ASN B 230 0.88 -14.24 15.98
C ASN B 230 0.40 -15.23 14.92
N PHE B 231 0.56 -16.53 15.17
CA PHE B 231 -0.02 -17.50 14.28
C PHE B 231 -1.50 -17.26 13.93
N GLU B 232 -2.33 -16.91 14.93
CA GLU B 232 -3.74 -16.75 14.71
C GLU B 232 -4.01 -15.53 13.85
N ALA B 233 -3.22 -14.45 14.01
CA ALA B 233 -3.40 -13.25 13.16
C ALA B 233 -3.27 -13.68 11.67
N HIS B 234 -2.28 -14.55 11.42
CA HIS B 234 -2.01 -14.98 10.06
C HIS B 234 -3.02 -16.00 9.53
N MET B 235 -3.62 -16.81 10.41
CA MET B 235 -4.69 -17.71 10.02
C MET B 235 -5.85 -16.91 9.53
N ARG B 236 -6.27 -15.92 10.31
CA ARG B 236 -7.47 -15.18 10.02
C ARG B 236 -7.19 -14.15 8.95
N GLY B 237 -5.95 -13.70 8.82
CA GLY B 237 -5.60 -12.68 7.81
C GLY B 237 -4.91 -13.26 6.59
N THR B 238 -3.59 -13.26 6.60
CA THR B 238 -2.82 -13.75 5.50
C THR B 238 -3.28 -15.08 4.86
N ALA B 239 -3.53 -16.10 5.67
CA ALA B 239 -3.81 -17.42 5.11
C ALA B 239 -5.21 -17.46 4.54
N ARG B 240 -6.14 -16.99 5.31
CA ARG B 240 -7.52 -16.90 4.85
C ARG B 240 -7.61 -16.07 3.59
N GLU B 241 -6.84 -14.99 3.53
CA GLU B 241 -6.76 -14.21 2.29
C GLU B 241 -6.24 -15.00 1.13
N ILE B 242 -5.12 -15.68 1.30
CA ILE B 242 -4.62 -16.53 0.22
C ILE B 242 -5.68 -17.51 -0.27
N PHE B 243 -6.38 -18.14 0.65
CA PHE B 243 -7.45 -19.09 0.31
C PHE B 243 -8.56 -18.41 -0.51
N VAL B 244 -9.04 -17.30 0.03
CA VAL B 244 -10.17 -16.60 -0.58
C VAL B 244 -9.77 -16.00 -1.91
N GLN B 245 -8.59 -15.40 -1.96
CA GLN B 245 -8.10 -14.78 -3.19
C GLN B 245 -7.95 -15.81 -4.32
N SER B 246 -7.36 -16.96 -3.97
CA SER B 246 -7.17 -18.03 -4.92
CA SER B 246 -7.17 -18.07 -4.90
C SER B 246 -8.50 -18.53 -5.46
N ARG B 247 -9.48 -18.73 -4.60
CA ARG B 247 -10.80 -19.17 -5.06
CA ARG B 247 -10.84 -19.14 -5.04
C ARG B 247 -11.52 -18.11 -5.93
N ARG B 248 -11.72 -16.91 -5.39
CA ARG B 248 -12.42 -15.87 -6.12
C ARG B 248 -11.64 -15.38 -7.35
N GLY B 249 -10.31 -15.41 -7.31
CA GLY B 249 -9.49 -14.97 -8.41
C GLY B 249 -9.36 -16.02 -9.48
N GLY B 250 -9.81 -17.25 -9.26
CA GLY B 250 -9.68 -18.30 -10.30
C GLY B 250 -8.30 -18.95 -10.44
N LEU B 251 -7.51 -18.96 -9.38
CA LEU B 251 -6.23 -19.60 -9.43
C LEU B 251 -6.48 -21.11 -9.29
N ALA B 252 -5.59 -21.88 -9.88
CA ALA B 252 -5.42 -23.30 -9.60
C ALA B 252 -4.22 -23.34 -8.59
N LEU B 253 -4.54 -23.19 -7.31
CA LEU B 253 -3.51 -22.95 -6.32
C LEU B 253 -2.83 -24.26 -6.00
N ARG B 254 -1.53 -24.34 -6.20
CA ARG B 254 -0.85 -25.60 -5.94
C ARG B 254 0.23 -25.47 -4.88
N GLY B 255 0.52 -24.25 -4.48
CA GLY B 255 1.55 -24.01 -3.48
C GLY B 255 1.69 -22.55 -3.09
N VAL B 256 2.27 -22.34 -1.91
CA VAL B 256 2.69 -21.03 -1.41
C VAL B 256 4.18 -21.09 -1.17
N ALA B 257 4.82 -19.94 -1.24
CA ALA B 257 6.25 -19.82 -0.92
C ALA B 257 6.50 -18.60 -0.04
N GLY B 258 7.50 -18.71 0.82
CA GLY B 258 7.62 -17.75 1.90
C GLY B 258 8.87 -17.98 2.72
N SER B 259 9.04 -17.12 3.71
CA SER B 259 10.23 -17.10 4.49
C SER B 259 9.82 -17.20 5.95
N LEU B 260 10.82 -17.38 6.81
CA LEU B 260 10.60 -17.67 8.22
C LEU B 260 11.44 -16.83 9.12
N GLY B 261 10.75 -16.21 10.08
CA GLY B 261 11.39 -15.45 11.15
C GLY B 261 10.91 -16.02 12.46
N THR B 262 9.73 -15.56 12.90
CA THR B 262 8.98 -16.24 13.93
C THR B 262 8.39 -17.53 13.48
N SER B 263 8.13 -17.56 12.18
CA SER B 263 7.46 -18.66 11.43
C SER B 263 5.99 -18.46 11.47
N GLY B 264 5.50 -17.41 12.12
CA GLY B 264 4.07 -17.13 12.19
C GLY B 264 3.33 -17.13 10.87
N HIS B 265 3.78 -16.37 9.84
CA HIS B 265 2.96 -16.24 8.65
C HIS B 265 2.94 -17.44 7.73
N MET B 266 4.08 -18.09 7.52
CA MET B 266 4.10 -19.29 6.67
C MET B 266 3.60 -20.54 7.36
N SER B 267 3.78 -20.65 8.67
CA SER B 267 3.06 -21.68 9.42
C SER B 267 1.55 -21.60 9.20
N ALA B 268 0.98 -20.42 9.33
CA ALA B 268 -0.43 -20.26 9.11
C ALA B 268 -0.79 -20.57 7.67
N ALA B 269 -0.03 -20.04 6.73
CA ALA B 269 -0.40 -20.23 5.31
C ALA B 269 -0.39 -21.70 5.00
N ALA B 270 0.61 -22.41 5.46
CA ALA B 270 0.66 -23.83 5.19
C ALA B 270 -0.43 -24.58 5.95
N PHE B 271 -0.65 -24.29 7.24
CA PHE B 271 -1.61 -25.10 8.00
C PHE B 271 -3.01 -24.97 7.40
N TYR B 272 -3.35 -23.72 7.06
CA TYR B 272 -4.69 -23.36 6.56
C TYR B 272 -4.91 -24.04 5.24
N LEU B 273 -4.03 -23.76 4.30
CA LEU B 273 -4.24 -24.29 2.96
C LEU B 273 -4.16 -25.79 2.84
N GLN B 274 -3.24 -26.40 3.58
CA GLN B 274 -3.11 -27.88 3.55
C GLN B 274 -4.33 -28.56 4.27
N SER B 275 -5.01 -27.81 5.17
CA SER B 275 -6.32 -28.25 5.72
C SER B 275 -7.35 -28.37 4.60
N VAL B 276 -7.42 -27.37 3.73
CA VAL B 276 -8.31 -27.46 2.58
C VAL B 276 -7.84 -28.57 1.63
N ASP B 277 -6.55 -28.67 1.31
CA ASP B 277 -6.04 -29.60 0.32
C ASP B 277 -4.59 -29.92 0.70
N PRO B 278 -4.33 -31.10 1.29
CA PRO B 278 -3.01 -31.40 1.75
C PRO B 278 -2.00 -31.49 0.63
N SER B 279 -2.39 -31.52 -0.64
CA SER B 279 -1.34 -31.56 -1.70
C SER B 279 -0.77 -30.18 -1.99
N ILE B 280 -1.33 -29.13 -1.37
CA ILE B 280 -0.74 -27.79 -1.50
C ILE B 280 0.65 -27.68 -0.86
N ARG B 281 1.65 -27.28 -1.66
N ARG B 281 1.64 -27.24 -1.64
CA ARG B 281 3.05 -27.20 -1.20
CA ARG B 281 3.04 -27.24 -1.17
C ARG B 281 3.29 -25.94 -0.37
C ARG B 281 3.32 -25.95 -0.39
N ALA B 282 4.24 -26.05 0.57
CA ALA B 282 4.82 -24.85 1.17
C ALA B 282 6.30 -24.91 0.96
N VAL B 283 6.77 -24.00 0.13
CA VAL B 283 8.18 -23.89 -0.19
C VAL B 283 8.74 -22.79 0.65
N LEU B 284 9.73 -23.10 1.45
CA LEU B 284 10.19 -22.20 2.45
C LEU B 284 11.68 -21.91 2.30
N VAL B 285 12.05 -20.66 2.54
CA VAL B 285 13.42 -20.21 2.39
C VAL B 285 14.27 -20.69 3.56
N GLN B 286 15.40 -21.33 3.22
CA GLN B 286 16.53 -21.56 4.13
C GLN B 286 17.69 -20.64 3.77
N PRO B 287 17.85 -19.52 4.47
CA PRO B 287 19.03 -18.67 4.21
C PRO B 287 20.36 -19.48 4.39
N ALA B 288 21.23 -19.37 3.40
CA ALA B 288 22.47 -20.14 3.32
C ALA B 288 23.29 -19.88 4.56
N GLN B 289 23.95 -20.92 5.05
CA GLN B 289 24.75 -20.82 6.29
C GLN B 289 25.68 -19.62 6.20
N GLY B 290 25.75 -18.81 7.25
CA GLY B 290 26.54 -17.58 7.25
C GLY B 290 25.97 -16.33 6.60
N ASP B 291 24.94 -16.43 5.75
CA ASP B 291 24.37 -15.23 5.13
C ASP B 291 23.28 -14.70 6.00
N SER B 292 23.07 -13.40 5.88
CA SER B 292 22.01 -12.72 6.60
C SER B 292 21.00 -12.12 5.62
N ILE B 293 19.78 -12.60 5.69
CA ILE B 293 18.69 -11.97 4.95
C ILE B 293 17.79 -11.29 6.00
N PRO B 294 17.60 -9.99 5.90
CA PRO B 294 16.85 -9.25 6.90
C PRO B 294 15.45 -9.80 7.23
N GLY B 295 15.23 -10.03 8.53
CA GLY B 295 13.97 -10.52 9.06
C GLY B 295 13.78 -11.99 9.16
N ILE B 296 14.68 -12.74 8.57
CA ILE B 296 14.51 -14.18 8.42
C ILE B 296 15.74 -15.00 8.85
N ARG B 297 15.53 -16.28 8.90
CA ARG B 297 16.30 -17.19 9.75
C ARG B 297 16.15 -18.60 9.18
N ARG B 298 17.16 -19.43 9.47
CA ARG B 298 17.10 -20.85 9.30
C ARG B 298 16.13 -21.48 10.28
N VAL B 299 15.48 -22.55 9.82
CA VAL B 299 14.57 -23.32 10.66
C VAL B 299 15.08 -23.59 12.08
N GLU B 300 16.11 -24.36 12.39
CA GLU B 300 16.41 -24.60 13.85
CA GLU B 300 16.42 -24.47 13.86
C GLU B 300 15.18 -24.88 14.82
N THR B 301 15.44 -25.62 15.91
CA THR B 301 14.38 -26.29 16.72
C THR B 301 13.42 -25.36 17.51
N GLY B 302 13.85 -24.12 17.79
CA GLY B 302 13.08 -23.20 18.63
C GLY B 302 11.91 -22.45 17.95
N MET B 303 11.80 -22.50 16.59
CA MET B 303 10.62 -21.97 15.88
C MET B 303 9.40 -22.76 16.28
N LEU B 304 8.39 -22.05 16.76
CA LEU B 304 7.27 -22.68 17.44
C LEU B 304 6.29 -23.38 16.50
N TRP B 305 5.53 -22.62 15.70
CA TRP B 305 4.37 -23.24 15.02
C TRP B 305 4.81 -24.20 13.92
N ILE B 306 5.86 -23.85 13.22
CA ILE B 306 6.24 -24.61 12.06
C ILE B 306 6.62 -26.02 12.37
N ASN B 307 7.18 -26.22 13.56
CA ASN B 307 7.55 -27.51 14.11
C ASN B 307 6.42 -28.20 14.89
N MET B 308 5.75 -27.48 15.81
CA MET B 308 4.73 -28.13 16.66
C MET B 308 3.48 -28.55 15.89
N LEU B 309 3.18 -27.91 14.79
CA LEU B 309 1.91 -28.18 14.10
C LEU B 309 2.10 -29.14 12.98
N ASP B 310 1.03 -29.83 12.60
CA ASP B 310 1.01 -30.81 11.52
C ASP B 310 0.99 -30.14 10.13
N ILE B 311 2.19 -29.74 9.71
CA ILE B 311 2.43 -28.91 8.51
C ILE B 311 3.47 -29.60 7.61
N SER B 312 3.22 -29.74 6.30
CA SER B 312 4.21 -30.23 5.33
CA SER B 312 4.27 -30.23 5.41
C SER B 312 4.92 -29.05 4.72
N TYR B 313 6.25 -29.11 4.56
CA TYR B 313 6.96 -28.09 3.83
C TYR B 313 8.20 -28.63 3.19
N THR B 314 8.75 -27.84 2.25
CA THR B 314 10.02 -28.11 1.66
C THR B 314 10.87 -26.88 1.76
N LEU B 315 12.14 -27.09 2.07
CA LEU B 315 13.09 -26.01 2.22
C LEU B 315 13.88 -25.84 0.93
N ALA B 316 14.29 -24.62 0.65
CA ALA B 316 15.29 -24.42 -0.39
C ALA B 316 16.28 -23.42 0.12
N GLU B 317 17.54 -23.75 -0.09
CA GLU B 317 18.68 -22.92 0.33
C GLU B 317 18.75 -21.74 -0.60
N VAL B 318 18.92 -20.57 -0.03
CA VAL B 318 19.02 -19.34 -0.84
C VAL B 318 20.05 -18.44 -0.21
N THR B 319 20.99 -17.97 -1.00
CA THR B 319 22.00 -17.04 -0.47
C THR B 319 21.42 -15.66 -0.55
N LEU B 320 22.03 -14.73 0.18
CA LEU B 320 21.63 -13.33 0.10
C LEU B 320 21.73 -12.79 -1.34
N GLU B 321 22.80 -13.18 -2.01
CA GLU B 321 23.05 -12.69 -3.33
C GLU B 321 21.97 -13.18 -4.30
N GLU B 322 21.58 -14.42 -4.17
CA GLU B 322 20.47 -14.97 -4.95
C GLU B 322 19.16 -14.28 -4.62
N ALA B 323 18.89 -14.07 -3.33
CA ALA B 323 17.67 -13.35 -2.92
C ALA B 323 17.61 -12.01 -3.61
N MET B 324 18.70 -11.27 -3.56
CA MET B 324 18.75 -9.97 -4.16
C MET B 324 18.74 -9.99 -5.68
N GLU B 325 19.28 -11.03 -6.33
CA GLU B 325 19.11 -11.17 -7.79
C GLU B 325 17.62 -11.31 -8.16
N ALA B 326 16.85 -12.07 -7.36
CA ALA B 326 15.38 -12.17 -7.56
C ALA B 326 14.71 -10.79 -7.42
N VAL B 327 15.15 -9.98 -6.45
CA VAL B 327 14.71 -8.61 -6.30
C VAL B 327 14.93 -7.87 -7.63
N VAL B 328 16.14 -8.01 -8.19
CA VAL B 328 16.41 -7.30 -9.44
C VAL B 328 15.47 -7.80 -10.51
N GLU B 329 15.33 -9.11 -10.63
CA GLU B 329 14.54 -9.66 -11.71
C GLU B 329 13.12 -9.27 -11.61
N VAL B 330 12.57 -9.34 -10.39
CA VAL B 330 11.18 -8.91 -10.20
C VAL B 330 11.02 -7.41 -10.57
N ALA B 331 11.96 -6.55 -10.19
CA ALA B 331 11.82 -5.16 -10.52
C ALA B 331 11.84 -4.96 -12.04
N ARG B 332 12.66 -5.73 -12.73
CA ARG B 332 12.83 -5.61 -14.19
C ARG B 332 11.76 -6.24 -14.97
N SER B 333 11.10 -7.24 -14.43
CA SER B 333 9.93 -7.84 -15.09
C SER B 333 8.57 -7.18 -14.78
N ASP B 334 8.39 -6.76 -13.53
CA ASP B 334 7.08 -6.39 -13.05
C ASP B 334 6.99 -4.95 -12.68
N GLY B 335 8.12 -4.26 -12.49
CA GLY B 335 8.12 -2.88 -12.05
C GLY B 335 7.86 -2.72 -10.54
N LEU B 336 7.92 -3.81 -9.81
CA LEU B 336 7.63 -3.83 -8.37
C LEU B 336 8.94 -4.10 -7.65
N VAL B 337 9.14 -3.36 -6.57
CA VAL B 337 10.36 -3.41 -5.79
C VAL B 337 10.08 -4.16 -4.46
N ILE B 338 10.43 -5.43 -4.46
CA ILE B 338 10.24 -6.29 -3.32
C ILE B 338 11.44 -6.37 -2.40
N GLY B 339 11.16 -6.74 -1.16
CA GLY B 339 12.20 -6.80 -0.16
C GLY B 339 13.07 -8.04 -0.22
N PRO B 340 14.21 -8.00 0.45
CA PRO B 340 15.09 -9.16 0.43
C PRO B 340 14.41 -10.51 0.71
N SER B 341 13.59 -10.59 1.75
CA SER B 341 12.97 -11.88 2.10
C SER B 341 11.95 -12.29 1.06
N GLY B 342 11.34 -11.30 0.39
CA GLY B 342 10.47 -11.57 -0.75
C GLY B 342 11.17 -12.15 -1.96
N GLY B 343 12.33 -11.56 -2.27
CA GLY B 343 13.26 -12.11 -3.26
C GLY B 343 13.72 -13.52 -2.96
N ALA B 344 14.10 -13.75 -1.70
CA ALA B 344 14.52 -15.05 -1.30
C ALA B 344 13.40 -16.05 -1.58
N ALA B 345 12.18 -15.65 -1.26
CA ALA B 345 11.08 -16.60 -1.46
C ALA B 345 10.81 -16.86 -2.94
N VAL B 346 10.88 -15.81 -3.76
CA VAL B 346 10.77 -16.01 -5.20
C VAL B 346 11.82 -17.01 -5.66
N LYS B 347 13.04 -16.84 -5.18
CA LYS B 347 14.12 -17.71 -5.54
C LYS B 347 13.94 -19.16 -5.09
N ALA B 348 13.53 -19.35 -3.84
CA ALA B 348 13.20 -20.68 -3.33
C ALA B 348 12.19 -21.36 -4.24
N LEU B 349 11.16 -20.64 -4.68
CA LEU B 349 10.15 -21.22 -5.56
C LEU B 349 10.74 -21.60 -6.95
N ALA B 350 11.61 -20.75 -7.49
CA ALA B 350 12.22 -20.94 -8.80
C ALA B 350 13.12 -22.18 -8.73
N LYS B 351 13.87 -22.32 -7.64
CA LYS B 351 14.69 -23.48 -7.47
C LYS B 351 13.86 -24.74 -7.43
N LYS B 352 12.75 -24.74 -6.69
CA LYS B 352 11.92 -25.94 -6.66
C LYS B 352 11.25 -26.28 -7.99
N ALA B 353 10.81 -25.23 -8.65
CA ALA B 353 10.21 -25.34 -9.94
C ALA B 353 11.21 -26.01 -10.89
N ALA B 354 12.50 -25.64 -10.82
CA ALA B 354 13.50 -26.17 -11.78
C ALA B 354 13.84 -27.63 -11.49
N GLU B 355 13.72 -28.06 -10.23
CA GLU B 355 13.90 -29.45 -9.84
C GLU B 355 12.79 -30.40 -10.34
N GLY B 356 11.58 -29.88 -10.56
CA GLY B 356 10.49 -30.66 -11.17
C GLY B 356 9.50 -31.30 -10.20
N ASP B 357 9.59 -31.04 -8.90
CA ASP B 357 8.72 -31.69 -7.90
CA ASP B 357 8.68 -31.76 -8.00
C ASP B 357 7.37 -30.98 -7.74
N LEU B 358 7.25 -29.79 -8.28
CA LEU B 358 6.00 -29.01 -8.16
C LEU B 358 4.99 -29.29 -9.27
N GLU B 359 3.72 -29.49 -8.94
CA GLU B 359 2.66 -29.52 -9.94
C GLU B 359 2.59 -28.18 -10.67
N PRO B 360 2.35 -28.17 -11.99
CA PRO B 360 2.11 -26.91 -12.69
C PRO B 360 0.85 -26.27 -12.16
N GLY B 361 0.85 -24.95 -12.10
CA GLY B 361 -0.33 -24.23 -11.59
C GLY B 361 0.16 -22.95 -10.96
N ASP B 362 -0.75 -22.37 -10.16
CA ASP B 362 -0.53 -21.08 -9.53
C ASP B 362 0.07 -21.25 -8.15
N TYR B 363 1.13 -20.47 -7.90
CA TYR B 363 1.83 -20.45 -6.64
C TYR B 363 1.85 -19.03 -6.11
N VAL B 364 1.49 -18.85 -4.83
CA VAL B 364 1.50 -17.57 -4.21
C VAL B 364 2.75 -17.35 -3.38
N VAL B 365 3.52 -16.32 -3.72
CA VAL B 365 4.71 -15.97 -2.93
C VAL B 365 4.32 -14.85 -2.01
N VAL B 366 4.47 -15.07 -0.71
CA VAL B 366 4.19 -13.96 0.25
C VAL B 366 5.43 -13.05 0.32
N VAL B 367 5.21 -11.80 -0.04
CA VAL B 367 6.25 -10.81 -0.08
C VAL B 367 6.11 -9.97 1.22
N PRO B 368 7.03 -10.15 2.18
CA PRO B 368 6.81 -9.52 3.49
C PRO B 368 6.80 -7.99 3.54
N ASP B 369 7.67 -7.37 2.75
CA ASP B 369 7.77 -5.94 2.69
C ASP B 369 8.32 -5.35 1.41
N THR B 370 8.49 -4.04 1.40
CA THR B 370 8.96 -3.37 0.21
C THR B 370 10.45 -3.19 0.21
N GLY B 371 11.02 -3.33 -0.99
CA GLY B 371 12.43 -3.12 -1.19
C GLY B 371 12.88 -1.69 -1.06
N PHE B 372 11.96 -0.74 -1.04
CA PHE B 372 12.34 0.67 -0.83
C PHE B 372 13.00 0.83 0.54
N LYS B 373 12.78 -0.12 1.45
CA LYS B 373 13.36 -0.03 2.77
C LYS B 373 14.75 -0.59 2.89
N TYR B 374 15.33 -1.11 1.79
CA TYR B 374 16.62 -1.81 1.83
C TYR B 374 17.60 -1.25 0.77
N LEU B 375 17.82 0.06 0.82
CA LEU B 375 18.54 0.73 -0.24
C LEU B 375 20.00 0.30 -0.31
N SER B 376 20.62 -0.05 0.82
CA SER B 376 22.05 -0.41 0.67
C SER B 376 22.26 -1.83 0.14
N LEU B 377 21.30 -2.74 0.35
CA LEU B 377 21.35 -4.05 -0.30
C LEU B 377 21.05 -3.98 -1.77
N VAL B 378 20.10 -3.16 -2.16
CA VAL B 378 19.81 -2.95 -3.58
C VAL B 378 21.04 -2.44 -4.33
N GLN B 379 21.70 -1.50 -3.71
CA GLN B 379 22.94 -0.95 -4.24
C GLN B 379 24.02 -2.03 -4.41
N ASN B 380 24.27 -2.80 -3.36
CA ASN B 380 25.18 -3.93 -3.49
C ASN B 380 24.75 -4.85 -4.62
N ALA B 381 23.45 -5.10 -4.76
CA ALA B 381 22.97 -6.04 -5.77
C ALA B 381 23.15 -5.60 -7.18
N LEU B 382 23.02 -4.31 -7.43
CA LEU B 382 23.23 -3.80 -8.79
C LEU B 382 24.69 -4.01 -9.31
N GLU B 383 25.69 -3.88 -8.44
CA GLU B 383 27.10 -4.30 -8.70
C GLU B 383 27.22 -5.60 -9.47
N GLY B 384 26.35 -6.59 -9.15
CA GLY B 384 26.33 -7.90 -9.81
C GLY B 384 25.42 -7.88 -11.00
#